data_8FIO
#
_entry.id   8FIO
#
_cell.length_a   59.089
_cell.length_b   112.787
_cell.length_c   122.808
_cell.angle_alpha   90.00
_cell.angle_beta   90.00
_cell.angle_gamma   90.00
#
_symmetry.space_group_name_H-M   'P 21 21 21'
#
loop_
_entity.id
_entity.type
_entity.pdbx_description
1 polymer 'Epimerase domain-containing protein'
2 non-polymer NARINGENIN
3 non-polymer 'NADP NICOTINAMIDE-ADENINE-DINUCLEOTIDE PHOSPHATE'
4 water water
#
_entity_poly.entity_id   1
_entity_poly.type   'polypeptide(L)'
_entity_poly.pdbx_seq_one_letter_code
;MSSSARNTTKLKTACVTGGNGYIGSALIKMLLEEGYAVKTTVRNPDDMEKNSHLKGLQELGPLTVLRADMDEEGSLDDAV
AGCDYAFLVAAPVNLWAQDPEKQQIEPSVRGTLNAVRSCVKAGTVRRVILTSSAAGVYIRPDLQGDGHALDEDSWSDVDF
LRANKPPTWGYCVSKVLLEKAACRFAEEHGISLVTVCPVLTVGAAPAPKVRTSIVDSLSMLSGDEAGLAVLRGIETTSGA
LQLVHIDDLCRAELFLAEEAAAGGRYICCSLNTTVVELARFLAHKYPQYRVKTNFDDDEHLLERPRVIMSSEKLVREGFE
YRHNTLDEIYDNVVEYGKALGILPY
;
_entity_poly.pdbx_strand_id   A,B
#
# COMPACT_ATOMS: atom_id res chain seq x y z
N LEU A 11 -6.27 33.44 -14.30
CA LEU A 11 -6.32 32.48 -13.20
C LEU A 11 -6.83 31.12 -13.69
N LYS A 12 -6.42 30.05 -13.01
CA LYS A 12 -7.06 28.77 -13.20
C LYS A 12 -8.41 28.76 -12.48
N THR A 13 -9.40 28.17 -13.12
CA THR A 13 -10.78 28.23 -12.67
C THR A 13 -11.29 26.83 -12.33
N ALA A 14 -11.97 26.71 -11.21
CA ALA A 14 -12.53 25.45 -10.76
C ALA A 14 -14.01 25.60 -10.49
N CYS A 15 -14.77 24.55 -10.80
CA CYS A 15 -16.18 24.49 -10.47
C CYS A 15 -16.39 23.56 -9.28
N VAL A 16 -17.21 23.99 -8.34
CA VAL A 16 -17.63 23.20 -7.20
C VAL A 16 -19.15 23.19 -7.17
N THR A 17 -19.75 22.00 -7.27
CA THR A 17 -21.20 21.88 -7.19
C THR A 17 -21.65 21.79 -5.73
N GLY A 18 -22.71 22.53 -5.41
CA GLY A 18 -23.30 22.49 -4.09
C GLY A 18 -22.52 23.30 -3.07
N GLY A 19 -22.36 24.61 -3.33
CA GLY A 19 -21.55 25.46 -2.47
C GLY A 19 -22.08 25.61 -1.07
N ASN A 20 -23.36 25.32 -0.84
CA ASN A 20 -23.91 25.38 0.51
C ASN A 20 -23.68 24.10 1.30
N GLY A 21 -23.19 23.03 0.66
CA GLY A 21 -22.95 21.80 1.37
C GLY A 21 -21.77 21.87 2.30
N TYR A 22 -21.72 20.91 3.23
CA TYR A 22 -20.65 20.82 4.20
C TYR A 22 -19.27 20.77 3.52
N ILE A 23 -19.03 19.71 2.75
CA ILE A 23 -17.72 19.54 2.12
C ILE A 23 -17.54 20.57 1.00
N GLY A 24 -18.61 20.87 0.26
CA GLY A 24 -18.49 21.84 -0.82
C GLY A 24 -18.02 23.20 -0.34
N SER A 25 -18.59 23.67 0.78
CA SER A 25 -18.22 24.99 1.28
C SER A 25 -16.76 25.04 1.70
N ALA A 26 -16.28 23.98 2.36
CA ALA A 26 -14.87 23.92 2.73
C ALA A 26 -13.97 23.89 1.50
N LEU A 27 -14.34 23.10 0.49
CA LEU A 27 -13.56 23.05 -0.74
C LEU A 27 -13.44 24.41 -1.40
N ILE A 28 -14.54 25.15 -1.45
CA ILE A 28 -14.52 26.47 -2.09
C ILE A 28 -13.53 27.38 -1.40
N LYS A 29 -13.61 27.46 -0.06
CA LYS A 29 -12.71 28.30 0.70
C LYS A 29 -11.24 27.94 0.42
N MET A 30 -10.94 26.65 0.36
CA MET A 30 -9.56 26.24 0.11
C MET A 30 -9.12 26.62 -1.30
N LEU A 31 -9.97 26.38 -2.30
CA LEU A 31 -9.60 26.72 -3.67
C LEU A 31 -9.32 28.21 -3.80
N LEU A 32 -10.15 29.04 -3.17
CA LEU A 32 -9.92 30.49 -3.22
C LEU A 32 -8.61 30.85 -2.54
N GLU A 33 -8.33 30.24 -1.38
CA GLU A 33 -7.07 30.48 -0.70
C GLU A 33 -5.88 30.14 -1.58
N GLU A 34 -5.98 29.06 -2.36
CA GLU A 34 -4.89 28.61 -3.21
C GLU A 34 -4.81 29.34 -4.55
N GLY A 35 -5.59 30.41 -4.73
CA GLY A 35 -5.48 31.25 -5.90
C GLY A 35 -6.34 30.87 -7.08
N TYR A 36 -7.29 29.96 -6.90
CA TYR A 36 -8.21 29.62 -7.98
C TYR A 36 -9.34 30.64 -8.07
N ALA A 37 -9.78 30.92 -9.29
CA ALA A 37 -11.10 31.49 -9.49
C ALA A 37 -12.11 30.34 -9.42
N VAL A 38 -13.20 30.54 -8.69
CA VAL A 38 -14.13 29.46 -8.37
C VAL A 38 -15.52 29.84 -8.83
N LYS A 39 -16.19 28.88 -9.47
CA LYS A 39 -17.61 28.98 -9.80
C LYS A 39 -18.34 27.85 -9.08
N THR A 40 -19.40 28.19 -8.35
CA THR A 40 -20.14 27.20 -7.58
C THR A 40 -21.62 27.30 -7.91
N THR A 41 -22.32 26.18 -7.77
CA THR A 41 -23.76 26.11 -7.99
C THR A 41 -24.46 25.80 -6.67
N VAL A 42 -25.61 26.44 -6.47
CA VAL A 42 -26.53 26.09 -5.40
C VAL A 42 -27.93 26.04 -6.01
N ARG A 43 -28.86 25.43 -5.27
CA ARG A 43 -30.20 25.27 -5.81
C ARG A 43 -31.10 26.46 -5.53
N ASN A 44 -30.90 27.18 -4.44
CA ASN A 44 -31.68 28.38 -4.15
C ASN A 44 -30.76 29.48 -3.61
N PRO A 45 -30.09 30.20 -4.50
CA PRO A 45 -29.20 31.28 -4.04
C PRO A 45 -29.91 32.34 -3.21
N ASP A 46 -31.24 32.46 -3.33
CA ASP A 46 -31.96 33.49 -2.59
C ASP A 46 -32.08 33.15 -1.11
N ASP A 47 -31.91 31.89 -0.73
CA ASP A 47 -31.83 31.49 0.66
C ASP A 47 -30.50 31.93 1.25
N MET A 48 -30.44 33.13 1.81
CA MET A 48 -29.18 33.63 2.35
C MET A 48 -28.92 33.14 3.77
N GLU A 49 -29.86 32.42 4.39
CA GLU A 49 -29.52 31.69 5.62
C GLU A 49 -28.58 30.54 5.33
N LYS A 50 -28.87 29.77 4.27
CA LYS A 50 -28.04 28.64 3.91
C LYS A 50 -26.78 29.06 3.17
N ASN A 51 -26.82 30.21 2.49
CA ASN A 51 -25.79 30.57 1.50
C ASN A 51 -24.99 31.81 1.88
N SER A 52 -25.15 32.34 3.09
CA SER A 52 -24.47 33.59 3.44
C SER A 52 -22.95 33.44 3.36
N HIS A 53 -22.42 32.26 3.69
CA HIS A 53 -20.98 32.06 3.63
C HIS A 53 -20.45 32.29 2.22
N LEU A 54 -21.28 32.11 1.20
CA LEU A 54 -20.82 32.30 -0.17
C LEU A 54 -20.59 33.78 -0.46
N LYS A 55 -21.44 34.65 0.08
CA LYS A 55 -21.19 36.08 -0.06
C LYS A 55 -19.93 36.48 0.70
N GLY A 56 -19.76 35.96 1.93
CA GLY A 56 -18.55 36.26 2.68
C GLY A 56 -17.30 35.88 1.91
N LEU A 57 -17.30 34.70 1.29
CA LEU A 57 -16.17 34.29 0.47
C LEU A 57 -16.08 35.14 -0.79
N GLN A 58 -17.23 35.52 -1.34
CA GLN A 58 -17.25 36.26 -2.60
C GLN A 58 -16.64 37.65 -2.46
N GLU A 59 -16.73 38.24 -1.27
CA GLU A 59 -16.14 39.55 -1.05
C GLU A 59 -14.65 39.48 -0.75
N LEU A 60 -14.10 38.27 -0.58
CA LEU A 60 -12.68 38.08 -0.32
C LEU A 60 -11.91 37.57 -1.53
N GLY A 61 -12.58 36.91 -2.48
CA GLY A 61 -11.91 36.32 -3.62
C GLY A 61 -12.83 36.15 -4.82
N PRO A 62 -12.27 35.70 -5.94
CA PRO A 62 -13.05 35.60 -7.20
C PRO A 62 -13.98 34.39 -7.24
N LEU A 63 -15.14 34.54 -6.61
CA LEU A 63 -16.14 33.48 -6.51
C LEU A 63 -17.39 33.88 -7.27
N THR A 64 -17.88 33.00 -8.13
CA THR A 64 -19.13 33.17 -8.85
C THR A 64 -20.14 32.15 -8.34
N VAL A 65 -21.34 32.62 -8.00
CA VAL A 65 -22.40 31.76 -7.49
C VAL A 65 -23.48 31.66 -8.55
N LEU A 66 -23.88 30.43 -8.88
CA LEU A 66 -24.87 30.18 -9.91
C LEU A 66 -25.94 29.24 -9.37
N ARG A 67 -27.06 29.20 -10.08
CA ARG A 67 -28.22 28.39 -9.72
C ARG A 67 -28.30 27.18 -10.63
N ALA A 68 -28.43 26.00 -10.03
CA ALA A 68 -28.51 24.76 -10.82
C ALA A 68 -28.93 23.61 -9.94
N ASP A 69 -29.73 22.71 -10.52
CA ASP A 69 -30.13 21.46 -9.89
C ASP A 69 -29.55 20.33 -10.74
N MET A 70 -28.71 19.50 -10.13
CA MET A 70 -28.03 18.45 -10.89
C MET A 70 -29.01 17.47 -11.52
N ASP A 71 -30.25 17.41 -11.03
CA ASP A 71 -31.23 16.48 -11.59
C ASP A 71 -31.67 16.87 -13.00
N GLU A 72 -31.46 18.12 -13.40
CA GLU A 72 -31.94 18.59 -14.70
C GLU A 72 -30.78 18.64 -15.70
N GLU A 73 -30.93 17.89 -16.78
CA GLU A 73 -29.89 17.78 -17.79
C GLU A 73 -29.49 19.17 -18.32
N GLY A 74 -28.19 19.40 -18.40
CA GLY A 74 -27.66 20.66 -18.88
C GLY A 74 -27.55 21.77 -17.87
N SER A 75 -28.12 21.61 -16.67
CA SER A 75 -28.15 22.70 -15.70
C SER A 75 -26.75 23.21 -15.36
N LEU A 76 -25.76 22.32 -15.39
CA LEU A 76 -24.39 22.68 -15.02
C LEU A 76 -23.58 23.25 -16.18
N ASP A 77 -24.14 23.30 -17.39
CA ASP A 77 -23.39 23.73 -18.56
C ASP A 77 -22.69 25.06 -18.32
N ASP A 78 -23.45 26.07 -17.90
CA ASP A 78 -22.90 27.42 -17.76
C ASP A 78 -21.82 27.47 -16.68
N ALA A 79 -22.07 26.85 -15.53
CA ALA A 79 -21.15 26.96 -14.40
C ALA A 79 -19.78 26.37 -14.75
N VAL A 80 -19.77 25.15 -15.29
CA VAL A 80 -18.50 24.48 -15.58
C VAL A 80 -17.83 25.00 -16.83
N ALA A 81 -18.53 25.79 -17.65
CA ALA A 81 -17.89 26.39 -18.81
C ALA A 81 -16.73 27.29 -18.39
N GLY A 82 -15.62 27.18 -19.11
CA GLY A 82 -14.44 27.96 -18.80
C GLY A 82 -13.63 27.46 -17.62
N CYS A 83 -14.01 26.33 -17.02
CA CYS A 83 -13.31 25.80 -15.85
C CYS A 83 -12.24 24.81 -16.27
N ASP A 84 -11.11 24.83 -15.55
CA ASP A 84 -10.06 23.86 -15.78
C ASP A 84 -10.34 22.56 -15.03
N TYR A 85 -10.97 22.65 -13.86
CA TYR A 85 -11.28 21.49 -13.03
C TYR A 85 -12.73 21.58 -12.57
N ALA A 86 -13.37 20.42 -12.44
CA ALA A 86 -14.74 20.33 -11.97
C ALA A 86 -14.77 19.38 -10.77
N PHE A 87 -15.12 19.92 -9.60
CA PHE A 87 -15.23 19.15 -8.37
C PHE A 87 -16.71 18.85 -8.14
N LEU A 88 -17.11 17.62 -8.45
CA LEU A 88 -18.50 17.19 -8.30
C LEU A 88 -18.69 16.71 -6.87
N VAL A 89 -19.10 17.62 -5.99
CA VAL A 89 -19.34 17.31 -4.59
C VAL A 89 -20.82 17.12 -4.30
N ALA A 90 -21.68 17.92 -4.93
CA ALA A 90 -23.12 17.80 -4.69
C ALA A 90 -23.59 16.41 -5.11
N ALA A 91 -24.47 15.85 -4.29
CA ALA A 91 -25.05 14.54 -4.58
C ALA A 91 -26.24 14.30 -3.66
N PRO A 92 -27.20 13.49 -4.06
CA PRO A 92 -28.30 13.13 -3.13
C PRO A 92 -27.74 12.48 -1.88
N VAL A 93 -28.27 12.88 -0.73
CA VAL A 93 -27.84 12.32 0.56
C VAL A 93 -29.06 11.88 1.35
N ASN A 94 -29.99 11.20 0.69
CA ASN A 94 -31.16 10.63 1.37
C ASN A 94 -30.81 9.20 1.81
N LEU A 95 -29.96 9.13 2.83
CA LEU A 95 -29.47 7.83 3.30
C LEU A 95 -30.59 6.92 3.77
N TRP A 96 -31.71 7.48 4.21
CA TRP A 96 -32.78 6.68 4.80
C TRP A 96 -34.09 6.92 4.07
N ALA A 97 -34.01 7.10 2.76
CA ALA A 97 -35.20 7.32 1.95
C ALA A 97 -36.17 6.16 2.08
N GLN A 98 -37.48 6.48 2.04
CA GLN A 98 -38.49 5.44 2.02
C GLN A 98 -38.45 4.66 0.71
N ASP A 99 -38.13 5.34 -0.40
CA ASP A 99 -37.99 4.73 -1.71
C ASP A 99 -36.58 5.03 -2.23
N PRO A 100 -35.59 4.27 -1.77
CA PRO A 100 -34.20 4.59 -2.16
C PRO A 100 -33.97 4.56 -3.65
N GLU A 101 -34.59 3.61 -4.36
CA GLU A 101 -34.37 3.49 -5.79
C GLU A 101 -34.69 4.79 -6.51
N LYS A 102 -35.82 5.41 -6.18
CA LYS A 102 -36.26 6.60 -6.88
C LYS A 102 -35.83 7.89 -6.19
N GLN A 103 -35.53 7.84 -4.88
CA GLN A 103 -35.14 9.03 -4.15
C GLN A 103 -33.64 9.15 -3.93
N GLN A 104 -32.89 8.06 -4.08
CA GLN A 104 -31.44 8.11 -3.84
C GLN A 104 -30.64 7.55 -5.00
N ILE A 105 -30.91 6.31 -5.40
CA ILE A 105 -30.05 5.64 -6.38
C ILE A 105 -30.18 6.32 -7.75
N GLU A 106 -31.39 6.37 -8.30
CA GLU A 106 -31.54 6.88 -9.66
C GLU A 106 -31.14 8.34 -9.78
N PRO A 107 -31.56 9.24 -8.89
CA PRO A 107 -31.09 10.63 -8.99
C PRO A 107 -29.58 10.75 -8.88
N SER A 108 -28.94 9.89 -8.09
CA SER A 108 -27.49 9.95 -7.95
C SER A 108 -26.80 9.64 -9.28
N VAL A 109 -27.16 8.51 -9.90
CA VAL A 109 -26.55 8.14 -11.17
C VAL A 109 -26.85 9.19 -12.23
N ARG A 110 -28.12 9.61 -12.30
CA ARG A 110 -28.54 10.55 -13.35
C ARG A 110 -27.89 11.92 -13.15
N GLY A 111 -27.84 12.40 -11.92
CA GLY A 111 -27.22 13.70 -11.67
C GLY A 111 -25.74 13.70 -11.96
N THR A 112 -25.05 12.60 -11.63
CA THR A 112 -23.62 12.51 -11.92
C THR A 112 -23.36 12.49 -13.41
N LEU A 113 -24.15 11.72 -14.17
CA LEU A 113 -24.00 11.70 -15.62
C LEU A 113 -24.29 13.07 -16.22
N ASN A 114 -25.33 13.74 -15.74
CA ASN A 114 -25.60 15.12 -16.17
C ASN A 114 -24.37 16.00 -15.95
N ALA A 115 -23.78 15.93 -14.76
CA ALA A 115 -22.65 16.80 -14.44
C ALA A 115 -21.46 16.50 -15.35
N VAL A 116 -21.09 15.24 -15.49
CA VAL A 116 -19.93 14.90 -16.31
C VAL A 116 -20.18 15.26 -17.77
N ARG A 117 -21.42 15.09 -18.24
CA ARG A 117 -21.74 15.52 -19.60
C ARG A 117 -21.46 17.02 -19.77
N SER A 118 -21.90 17.83 -18.82
CA SER A 118 -21.61 19.27 -18.88
C SER A 118 -20.12 19.53 -18.90
N CYS A 119 -19.34 18.75 -18.14
CA CYS A 119 -17.89 18.95 -18.13
C CYS A 119 -17.29 18.65 -19.49
N VAL A 120 -17.74 17.58 -20.14
CA VAL A 120 -17.27 17.29 -21.49
C VAL A 120 -17.62 18.43 -22.43
N LYS A 121 -18.88 18.89 -22.39
CA LYS A 121 -19.34 19.93 -23.29
C LYS A 121 -18.53 21.21 -23.14
N ALA A 122 -18.00 21.49 -21.95
CA ALA A 122 -17.25 22.72 -21.73
C ALA A 122 -15.95 22.73 -22.52
N GLY A 123 -15.34 21.57 -22.74
CA GLY A 123 -14.13 21.49 -23.53
C GLY A 123 -12.87 21.89 -22.78
N THR A 124 -13.01 22.74 -21.76
CA THR A 124 -11.87 23.23 -21.01
C THR A 124 -11.54 22.38 -19.79
N VAL A 125 -12.45 21.50 -19.37
CA VAL A 125 -12.25 20.74 -18.13
C VAL A 125 -11.13 19.73 -18.34
N ARG A 126 -9.97 19.97 -17.73
CA ARG A 126 -8.86 19.04 -17.84
C ARG A 126 -9.16 17.76 -17.06
N ARG A 127 -9.78 17.88 -15.90
CA ARG A 127 -10.03 16.72 -15.04
C ARG A 127 -11.28 16.94 -14.22
N VAL A 128 -12.02 15.86 -14.00
CA VAL A 128 -13.19 15.86 -13.12
C VAL A 128 -12.82 15.12 -11.84
N ILE A 129 -13.07 15.75 -10.70
CA ILE A 129 -12.85 15.13 -9.40
C ILE A 129 -14.21 14.80 -8.82
N LEU A 130 -14.55 13.52 -8.82
CA LEU A 130 -15.84 13.04 -8.34
C LEU A 130 -15.71 12.64 -6.87
N THR A 131 -16.45 13.32 -6.00
CA THR A 131 -16.51 12.94 -4.60
C THR A 131 -17.56 11.85 -4.42
N SER A 132 -17.12 10.68 -4.00
CA SER A 132 -18.01 9.56 -3.73
C SER A 132 -17.97 9.28 -2.21
N SER A 133 -17.79 8.04 -1.77
CA SER A 133 -17.85 7.76 -0.36
C SER A 133 -17.29 6.37 -0.10
N ALA A 134 -16.69 6.20 1.09
CA ALA A 134 -16.22 4.88 1.51
C ALA A 134 -17.35 3.85 1.52
N ALA A 135 -18.61 4.30 1.52
CA ALA A 135 -19.73 3.37 1.48
C ALA A 135 -19.79 2.59 0.18
N GLY A 136 -19.11 3.08 -0.86
CA GLY A 136 -18.98 2.32 -2.10
C GLY A 136 -17.85 1.32 -2.10
N VAL A 137 -17.17 1.14 -0.97
CA VAL A 137 -15.98 0.30 -0.89
C VAL A 137 -16.13 -0.81 0.14
N TYR A 138 -16.64 -0.50 1.34
CA TYR A 138 -16.43 -1.36 2.49
C TYR A 138 -17.62 -2.22 2.88
N ILE A 139 -18.65 -2.35 2.03
CA ILE A 139 -19.69 -3.33 2.30
C ILE A 139 -19.22 -4.69 1.80
N ARG A 140 -18.59 -5.46 2.67
CA ARG A 140 -17.87 -6.68 2.29
C ARG A 140 -18.23 -7.80 3.25
N PRO A 141 -19.47 -8.29 3.19
CA PRO A 141 -19.86 -9.39 4.09
C PRO A 141 -19.09 -10.68 3.85
N ASP A 142 -18.31 -10.76 2.76
CA ASP A 142 -17.53 -11.96 2.48
C ASP A 142 -16.24 -12.04 3.28
N LEU A 143 -15.87 -10.98 4.00
CA LEU A 143 -14.63 -10.97 4.80
C LEU A 143 -15.00 -11.18 6.26
N GLN A 144 -14.64 -12.34 6.80
CA GLN A 144 -14.86 -12.66 8.20
C GLN A 144 -13.53 -12.65 8.95
N GLY A 145 -13.63 -12.50 10.26
CA GLY A 145 -12.45 -12.34 11.08
C GLY A 145 -11.84 -10.96 10.93
N ASP A 146 -10.66 -10.81 11.52
CA ASP A 146 -9.92 -9.56 11.44
C ASP A 146 -8.75 -9.71 10.48
N GLY A 147 -7.83 -8.74 10.49
CA GLY A 147 -6.67 -8.78 9.62
C GLY A 147 -6.91 -8.32 8.20
N HIS A 148 -8.12 -7.85 7.88
CA HIS A 148 -8.44 -7.45 6.52
C HIS A 148 -8.07 -5.99 6.29
N ALA A 149 -7.62 -5.71 5.06
CA ALA A 149 -7.35 -4.35 4.62
C ALA A 149 -8.00 -4.16 3.26
N LEU A 150 -8.82 -3.13 3.13
CA LEU A 150 -9.50 -2.84 1.89
C LEU A 150 -8.80 -1.71 1.13
N ASP A 151 -8.70 -1.87 -0.18
CA ASP A 151 -8.17 -0.81 -1.02
C ASP A 151 -9.14 -0.49 -2.14
N GLU A 152 -8.70 0.30 -3.13
CA GLU A 152 -9.60 0.82 -4.15
C GLU A 152 -10.21 -0.27 -5.02
N ASP A 153 -9.71 -1.50 -4.99
CA ASP A 153 -10.31 -2.58 -5.75
C ASP A 153 -11.47 -3.24 -5.03
N SER A 154 -11.76 -2.83 -3.79
CA SER A 154 -12.92 -3.34 -3.06
C SER A 154 -14.14 -2.52 -3.43
N TRP A 155 -15.20 -3.21 -3.86
CA TRP A 155 -16.46 -2.57 -4.17
C TRP A 155 -17.53 -3.09 -3.22
N SER A 156 -18.40 -2.19 -2.76
CA SER A 156 -19.50 -2.60 -1.89
C SER A 156 -20.39 -3.60 -2.61
N ASP A 157 -20.85 -4.61 -1.86
CA ASP A 157 -21.57 -5.76 -2.40
C ASP A 157 -23.03 -5.35 -2.65
N VAL A 158 -23.31 -4.94 -3.88
CA VAL A 158 -24.65 -4.45 -4.19
C VAL A 158 -25.68 -5.56 -4.06
N ASP A 159 -25.31 -6.78 -4.45
CA ASP A 159 -26.25 -7.91 -4.32
C ASP A 159 -26.65 -8.11 -2.87
N PHE A 160 -25.68 -8.22 -1.98
CA PHE A 160 -25.97 -8.34 -0.55
C PHE A 160 -26.83 -7.17 -0.06
N LEU A 161 -26.50 -5.95 -0.52
CA LEU A 161 -27.25 -4.78 -0.07
C LEU A 161 -28.71 -4.84 -0.51
N ARG A 162 -28.95 -5.23 -1.77
CA ARG A 162 -30.32 -5.28 -2.26
C ARG A 162 -31.09 -6.44 -1.67
N ALA A 163 -30.40 -7.50 -1.25
CA ALA A 163 -31.07 -8.67 -0.70
C ALA A 163 -31.47 -8.45 0.75
N ASN A 164 -30.63 -7.77 1.53
CA ASN A 164 -30.88 -7.60 2.96
C ASN A 164 -31.39 -6.21 3.32
N LYS A 165 -31.16 -5.22 2.45
CA LYS A 165 -31.57 -3.83 2.66
C LYS A 165 -31.32 -3.37 4.09
N PRO A 166 -30.08 -3.38 4.56
CA PRO A 166 -29.76 -2.75 5.84
C PRO A 166 -29.99 -1.26 5.74
N PRO A 167 -30.08 -0.56 6.88
CA PRO A 167 -30.23 0.89 6.83
C PRO A 167 -29.11 1.52 6.01
N THR A 168 -29.47 2.52 5.20
CA THR A 168 -28.56 3.23 4.31
C THR A 168 -28.11 2.39 3.12
N TRP A 169 -28.72 1.22 2.89
CA TRP A 169 -28.33 0.37 1.76
C TRP A 169 -28.47 1.13 0.44
N GLY A 170 -29.50 1.96 0.32
CA GLY A 170 -29.69 2.69 -0.92
C GLY A 170 -28.57 3.69 -1.17
N TYR A 171 -28.07 4.32 -0.11
CA TYR A 171 -26.92 5.19 -0.22
C TYR A 171 -25.70 4.42 -0.71
N CYS A 172 -25.41 3.28 -0.09
CA CYS A 172 -24.26 2.48 -0.48
C CYS A 172 -24.35 2.04 -1.94
N VAL A 173 -25.52 1.54 -2.36
CA VAL A 173 -25.68 1.11 -3.75
C VAL A 173 -25.50 2.28 -4.70
N SER A 174 -26.05 3.45 -4.35
CA SER A 174 -25.96 4.60 -5.24
C SER A 174 -24.52 4.97 -5.53
N LYS A 175 -23.65 4.87 -4.53
CA LYS A 175 -22.24 5.20 -4.75
C LYS A 175 -21.59 4.24 -5.73
N VAL A 176 -21.84 2.94 -5.57
CA VAL A 176 -21.25 1.96 -6.48
C VAL A 176 -21.70 2.24 -7.92
N LEU A 177 -23.01 2.39 -8.13
CA LEU A 177 -23.53 2.52 -9.48
C LEU A 177 -23.13 3.85 -10.12
N LEU A 178 -23.19 4.95 -9.37
CA LEU A 178 -22.82 6.23 -9.96
C LEU A 178 -21.34 6.26 -10.32
N GLU A 179 -20.50 5.59 -9.53
CA GLU A 179 -19.08 5.53 -9.85
C GLU A 179 -18.85 4.78 -11.17
N LYS A 180 -19.46 3.60 -11.31
CA LYS A 180 -19.25 2.80 -12.52
C LYS A 180 -19.84 3.49 -13.75
N ALA A 181 -21.06 4.01 -13.63
CA ALA A 181 -21.65 4.75 -14.74
C ALA A 181 -20.79 5.95 -15.12
N ALA A 182 -20.29 6.68 -14.13
CA ALA A 182 -19.47 7.86 -14.41
C ALA A 182 -18.19 7.47 -15.13
N CYS A 183 -17.52 6.40 -14.68
CA CYS A 183 -16.27 6.00 -15.29
C CYS A 183 -16.48 5.54 -16.74
N ARG A 184 -17.53 4.74 -16.97
CA ARG A 184 -17.80 4.30 -18.33
C ARG A 184 -18.11 5.47 -19.26
N PHE A 185 -18.84 6.46 -18.75
CA PHE A 185 -19.12 7.65 -19.55
C PHE A 185 -17.85 8.46 -19.80
N ALA A 186 -17.02 8.65 -18.76
CA ALA A 186 -15.81 9.42 -18.90
C ALA A 186 -14.85 8.77 -19.90
N GLU A 187 -14.67 7.45 -19.80
CA GLU A 187 -13.76 6.77 -20.71
C GLU A 187 -14.21 6.92 -22.17
N GLU A 188 -15.52 6.79 -22.42
CA GLU A 188 -16.03 6.91 -23.79
C GLU A 188 -15.79 8.30 -24.35
N HIS A 189 -15.78 9.33 -23.51
CA HIS A 189 -15.61 10.70 -23.97
C HIS A 189 -14.19 11.23 -23.76
N GLY A 190 -13.28 10.37 -23.30
CA GLY A 190 -11.88 10.76 -23.18
C GLY A 190 -11.62 11.91 -22.24
N ILE A 191 -12.41 12.03 -21.17
CA ILE A 191 -12.20 13.04 -20.14
C ILE A 191 -11.67 12.34 -18.89
N SER A 192 -10.62 12.90 -18.29
CA SER A 192 -10.04 12.34 -17.08
C SER A 192 -11.00 12.53 -15.91
N LEU A 193 -11.37 11.43 -15.26
CA LEU A 193 -12.20 11.46 -14.06
C LEU A 193 -11.48 10.73 -12.95
N VAL A 194 -11.28 11.41 -11.83
CA VAL A 194 -10.71 10.80 -10.63
C VAL A 194 -11.78 10.82 -9.55
N THR A 195 -11.94 9.70 -8.85
CA THR A 195 -12.96 9.55 -7.83
C THR A 195 -12.31 9.44 -6.47
N VAL A 196 -12.81 10.22 -5.51
CA VAL A 196 -12.33 10.18 -4.13
C VAL A 196 -13.43 9.60 -3.26
N CYS A 197 -13.07 8.63 -2.41
CA CYS A 197 -14.02 7.94 -1.54
C CYS A 197 -13.63 8.25 -0.10
N PRO A 198 -14.07 9.39 0.43
CA PRO A 198 -13.73 9.72 1.81
C PRO A 198 -14.51 8.84 2.78
N VAL A 199 -13.91 8.62 3.95
CA VAL A 199 -14.61 8.04 5.09
C VAL A 199 -15.29 9.17 5.84
N LEU A 200 -15.80 8.88 7.03
CA LEU A 200 -16.43 9.92 7.85
C LEU A 200 -15.52 11.13 7.99
N THR A 201 -16.00 12.29 7.54
CA THR A 201 -15.22 13.51 7.46
C THR A 201 -15.59 14.46 8.61
N VAL A 202 -14.58 15.02 9.26
CA VAL A 202 -14.75 15.76 10.51
C VAL A 202 -14.00 17.08 10.42
N GLY A 203 -14.60 18.15 10.91
CA GLY A 203 -13.94 19.44 11.01
C GLY A 203 -14.85 20.59 10.61
N ALA A 204 -14.44 21.79 10.94
CA ALA A 204 -15.22 22.99 10.69
C ALA A 204 -15.23 23.34 9.21
N ALA A 205 -16.30 24.02 8.79
CA ALA A 205 -16.47 24.46 7.41
C ALA A 205 -17.23 25.77 7.42
N PRO A 206 -17.18 26.53 6.33
CA PRO A 206 -17.87 27.83 6.31
C PRO A 206 -19.39 27.75 6.34
N ALA A 207 -19.98 26.68 5.81
CA ALA A 207 -21.43 26.66 5.67
C ALA A 207 -22.11 26.80 7.03
N PRO A 208 -23.13 27.66 7.15
CA PRO A 208 -23.70 27.93 8.49
C PRO A 208 -24.88 27.04 8.88
N LYS A 209 -25.50 26.34 7.94
CA LYS A 209 -26.72 25.58 8.25
C LYS A 209 -26.63 24.13 7.79
N VAL A 210 -25.45 23.54 7.79
CA VAL A 210 -25.31 22.13 7.44
C VAL A 210 -25.52 21.27 8.68
N ARG A 211 -25.79 19.99 8.46
CA ARG A 211 -25.94 19.03 9.55
C ARG A 211 -25.17 17.77 9.20
N THR A 212 -25.61 17.08 8.14
CA THR A 212 -24.94 15.90 7.60
C THR A 212 -24.34 15.01 8.68
N SER A 213 -23.11 14.53 8.48
CA SER A 213 -22.52 13.59 9.42
C SER A 213 -22.04 14.26 10.70
N ILE A 214 -22.02 15.59 10.77
CA ILE A 214 -21.57 16.26 11.99
C ILE A 214 -22.46 15.85 13.15
N VAL A 215 -23.76 15.69 12.89
CA VAL A 215 -24.68 15.20 13.90
C VAL A 215 -24.18 13.89 14.48
N ASP A 216 -23.69 12.98 13.62
CA ASP A 216 -23.26 11.68 14.09
C ASP A 216 -21.87 11.72 14.72
N SER A 217 -20.93 12.45 14.11
CA SER A 217 -19.58 12.49 14.64
C SER A 217 -19.50 13.20 15.99
N LEU A 218 -20.48 14.03 16.31
CA LEU A 218 -20.56 14.69 17.61
C LEU A 218 -21.54 14.01 18.56
N SER A 219 -22.10 12.86 18.17
CA SER A 219 -23.21 12.29 18.94
C SER A 219 -22.78 11.83 20.32
N MET A 220 -21.51 11.44 20.48
CA MET A 220 -21.05 11.04 21.82
C MET A 220 -21.03 12.21 22.78
N LEU A 221 -20.90 13.44 22.27
CA LEU A 221 -20.95 14.62 23.12
C LEU A 221 -22.37 15.14 23.32
N SER A 222 -23.19 15.11 22.27
CA SER A 222 -24.57 15.56 22.40
C SER A 222 -25.46 14.53 23.06
N GLY A 223 -25.06 13.26 23.11
CA GLY A 223 -25.90 12.21 23.64
C GLY A 223 -27.02 11.78 22.73
N ASP A 224 -27.02 12.23 21.48
CA ASP A 224 -28.07 11.84 20.55
C ASP A 224 -27.94 10.37 20.18
N GLU A 225 -28.96 9.58 20.50
CA GLU A 225 -28.89 8.15 20.28
C GLU A 225 -29.02 7.73 18.83
N ALA A 226 -29.62 8.57 17.98
CA ALA A 226 -29.66 8.25 16.56
C ALA A 226 -28.29 8.41 15.92
N GLY A 227 -27.57 9.48 16.28
CA GLY A 227 -26.21 9.62 15.79
C GLY A 227 -25.29 8.53 16.30
N LEU A 228 -25.42 8.19 17.59
CA LEU A 228 -24.62 7.10 18.14
C LEU A 228 -24.92 5.78 17.44
N ALA A 229 -26.17 5.57 17.03
CA ALA A 229 -26.51 4.37 16.26
C ALA A 229 -25.83 4.37 14.90
N VAL A 230 -25.70 5.55 14.28
CA VAL A 230 -25.01 5.62 12.99
C VAL A 230 -23.55 5.25 13.14
N LEU A 231 -22.89 5.74 14.18
CA LEU A 231 -21.47 5.39 14.38
C LEU A 231 -21.31 3.89 14.60
N ARG A 232 -22.11 3.31 15.52
CA ARG A 232 -22.07 1.87 15.72
C ARG A 232 -22.39 1.12 14.43
N GLY A 233 -23.27 1.68 13.59
CA GLY A 233 -23.60 1.01 12.34
C GLY A 233 -22.43 1.01 11.37
N ILE A 234 -21.69 2.12 11.30
CA ILE A 234 -20.50 2.16 10.45
C ILE A 234 -19.54 1.05 10.85
N GLU A 235 -19.25 0.95 12.14
CA GLU A 235 -18.30 -0.06 12.62
C GLU A 235 -18.82 -1.47 12.35
N THR A 236 -20.09 -1.72 12.66
CA THR A 236 -20.64 -3.06 12.50
C THR A 236 -20.64 -3.50 11.04
N THR A 237 -20.94 -2.58 10.13
CA THR A 237 -21.08 -2.94 8.72
C THR A 237 -19.76 -2.90 7.95
N SER A 238 -18.79 -2.09 8.40
CA SER A 238 -17.56 -1.90 7.65
C SER A 238 -16.33 -2.48 8.33
N GLY A 239 -16.40 -2.76 9.64
CA GLY A 239 -15.28 -3.33 10.36
C GLY A 239 -14.42 -2.34 11.11
N ALA A 240 -14.75 -1.05 11.05
CA ALA A 240 -14.00 -0.04 11.80
C ALA A 240 -14.81 1.25 11.80
N LEU A 241 -14.34 2.22 12.56
CA LEU A 241 -14.84 3.59 12.50
C LEU A 241 -13.71 4.43 11.92
N GLN A 242 -13.82 4.75 10.64
CA GLN A 242 -12.78 5.46 9.90
C GLN A 242 -13.05 6.96 9.91
N LEU A 243 -11.97 7.74 9.96
CA LEU A 243 -12.08 9.18 10.10
C LEU A 243 -11.06 9.89 9.22
N VAL A 244 -11.46 11.05 8.71
CA VAL A 244 -10.53 11.96 8.03
C VAL A 244 -10.98 13.38 8.31
N HIS A 245 -10.03 14.28 8.43
CA HIS A 245 -10.32 15.68 8.69
C HIS A 245 -10.72 16.38 7.40
N ILE A 246 -11.71 17.27 7.50
CA ILE A 246 -12.21 17.99 6.33
C ILE A 246 -11.07 18.66 5.58
N ASP A 247 -10.10 19.20 6.30
CA ASP A 247 -9.02 19.93 5.65
C ASP A 247 -8.12 18.98 4.86
N ASP A 248 -7.92 17.76 5.35
CA ASP A 248 -7.12 16.80 4.60
C ASP A 248 -7.87 16.32 3.37
N LEU A 249 -9.19 16.15 3.47
CA LEU A 249 -9.97 15.75 2.31
C LEU A 249 -9.92 16.81 1.21
N CYS A 250 -10.09 18.08 1.59
CA CYS A 250 -10.06 19.16 0.60
C CYS A 250 -8.70 19.27 -0.06
N ARG A 251 -7.62 19.20 0.73
CA ARG A 251 -6.29 19.20 0.14
C ARG A 251 -6.10 18.01 -0.78
N ALA A 252 -6.62 16.84 -0.38
CA ALA A 252 -6.49 15.66 -1.22
C ALA A 252 -7.19 15.86 -2.56
N GLU A 253 -8.38 16.47 -2.54
CA GLU A 253 -9.10 16.69 -3.79
C GLU A 253 -8.34 17.65 -4.70
N LEU A 254 -7.77 18.71 -4.14
CA LEU A 254 -6.92 19.60 -4.93
C LEU A 254 -5.71 18.85 -5.45
N PHE A 255 -5.02 18.13 -4.57
CA PHE A 255 -3.85 17.36 -4.98
C PHE A 255 -4.18 16.47 -6.17
N LEU A 256 -5.29 15.72 -6.09
CA LEU A 256 -5.63 14.80 -7.17
C LEU A 256 -6.01 15.53 -8.44
N ALA A 257 -6.62 16.72 -8.32
CA ALA A 257 -6.90 17.51 -9.52
C ALA A 257 -5.61 17.92 -10.21
N GLU A 258 -4.59 18.32 -9.45
CA GLU A 258 -3.39 18.90 -10.01
C GLU A 258 -2.30 17.89 -10.35
N GLU A 259 -2.39 16.68 -9.81
CA GLU A 259 -1.35 15.66 -10.01
C GLU A 259 -1.64 14.92 -11.30
N ALA A 260 -0.88 15.22 -12.36
CA ALA A 260 -1.16 14.66 -13.68
C ALA A 260 -1.10 13.13 -13.64
N ALA A 261 -0.19 12.56 -12.84
CA ALA A 261 -0.05 11.12 -12.80
C ALA A 261 -1.22 10.44 -12.12
N ALA A 262 -1.97 11.15 -11.28
CA ALA A 262 -3.09 10.53 -10.59
C ALA A 262 -4.13 10.02 -11.59
N GLY A 263 -4.78 8.92 -11.24
CA GLY A 263 -5.79 8.34 -12.10
C GLY A 263 -6.64 7.36 -11.33
N GLY A 264 -7.91 7.27 -11.72
CA GLY A 264 -8.81 6.29 -11.14
C GLY A 264 -9.42 6.70 -9.81
N ARG A 265 -9.59 5.70 -8.93
CA ARG A 265 -10.30 5.87 -7.67
C ARG A 265 -9.30 5.99 -6.52
N TYR A 266 -9.68 6.73 -5.49
CA TYR A 266 -8.81 6.96 -4.34
C TYR A 266 -9.62 6.94 -3.05
N ILE A 267 -9.22 6.09 -2.12
CA ILE A 267 -9.73 6.16 -0.75
C ILE A 267 -9.04 7.29 -0.02
N CYS A 268 -9.81 8.06 0.74
CA CYS A 268 -9.28 9.13 1.57
C CYS A 268 -9.66 8.80 3.00
N CYS A 269 -8.67 8.42 3.80
CA CYS A 269 -8.91 7.96 5.17
C CYS A 269 -7.63 8.13 5.95
N SER A 270 -7.69 8.91 7.04
CA SER A 270 -6.50 9.16 7.85
C SER A 270 -6.31 8.09 8.93
N LEU A 271 -7.39 7.70 9.60
CA LEU A 271 -7.27 6.90 10.80
C LEU A 271 -8.38 5.86 10.86
N ASN A 272 -8.00 4.62 11.21
CA ASN A 272 -8.96 3.54 11.47
C ASN A 272 -9.05 3.34 12.97
N THR A 273 -10.19 3.67 13.57
CA THR A 273 -10.37 3.56 15.01
C THR A 273 -11.65 2.77 15.26
N THR A 274 -12.19 2.90 16.47
CA THR A 274 -13.37 2.18 16.87
C THR A 274 -14.30 3.10 17.65
N VAL A 275 -15.55 2.67 17.80
CA VAL A 275 -16.50 3.43 18.61
C VAL A 275 -15.96 3.61 20.02
N VAL A 276 -15.41 2.55 20.61
CA VAL A 276 -14.97 2.58 21.99
C VAL A 276 -13.76 3.51 22.14
N GLU A 277 -12.76 3.36 21.27
CA GLU A 277 -11.57 4.22 21.37
C GLU A 277 -11.94 5.68 21.21
N LEU A 278 -12.81 5.99 20.24
CA LEU A 278 -13.25 7.36 20.05
C LEU A 278 -13.98 7.88 21.28
N ALA A 279 -14.83 7.04 21.89
CA ALA A 279 -15.57 7.45 23.07
C ALA A 279 -14.61 7.76 24.22
N ARG A 280 -13.64 6.88 24.46
CA ARG A 280 -12.67 7.14 25.52
C ARG A 280 -11.89 8.41 25.25
N PHE A 281 -11.50 8.65 24.00
CA PHE A 281 -10.77 9.87 23.67
C PHE A 281 -11.63 11.11 23.93
N LEU A 282 -12.87 11.09 23.44
CA LEU A 282 -13.74 12.25 23.64
C LEU A 282 -14.09 12.44 25.11
N ALA A 283 -14.27 11.34 25.85
CA ALA A 283 -14.60 11.46 27.27
C ALA A 283 -13.49 12.16 28.04
N HIS A 284 -12.24 11.88 27.69
CA HIS A 284 -11.11 12.51 28.37
C HIS A 284 -10.88 13.94 27.90
N LYS A 285 -11.07 14.19 26.61
CA LYS A 285 -10.81 15.51 26.06
C LYS A 285 -11.90 16.52 26.44
N TYR A 286 -13.15 16.06 26.57
CA TYR A 286 -14.29 16.95 26.78
C TYR A 286 -15.10 16.45 27.97
N PRO A 287 -14.58 16.62 29.20
CA PRO A 287 -15.33 16.16 30.38
C PRO A 287 -16.59 16.96 30.65
N GLN A 288 -16.68 18.21 30.18
CA GLN A 288 -17.90 18.98 30.39
C GLN A 288 -19.12 18.25 29.83
N TYR A 289 -18.96 17.60 28.69
CA TYR A 289 -20.01 16.72 28.18
C TYR A 289 -19.94 15.37 28.89
N ARG A 290 -21.07 14.71 29.00
CA ARG A 290 -21.17 13.41 29.66
C ARG A 290 -21.06 12.32 28.60
N VAL A 291 -19.86 11.78 28.41
CA VAL A 291 -19.58 10.81 27.37
C VAL A 291 -19.66 9.41 27.96
N LYS A 292 -20.49 8.56 27.37
CA LYS A 292 -20.62 7.17 27.81
C LYS A 292 -19.45 6.36 27.28
N THR A 293 -18.64 5.80 28.18
CA THR A 293 -17.54 4.93 27.80
C THR A 293 -17.74 3.48 28.21
N ASN A 294 -18.60 3.23 29.20
CA ASN A 294 -18.85 1.87 29.67
C ASN A 294 -19.95 1.23 28.81
N PHE A 295 -19.59 0.18 28.08
CA PHE A 295 -20.57 -0.65 27.38
C PHE A 295 -20.41 -2.11 27.75
N ASP A 296 -21.14 -2.98 27.05
CA ASP A 296 -21.11 -4.42 27.28
C ASP A 296 -22.21 -5.08 26.46
N ASP A 297 -22.01 -6.33 26.03
CA ASP A 297 -22.96 -6.96 25.12
C ASP A 297 -23.14 -6.08 23.88
N ASP A 298 -23.83 -4.95 24.04
CA ASP A 298 -23.74 -3.90 23.05
C ASP A 298 -22.28 -3.62 22.68
N GLU A 299 -21.36 -4.05 23.54
CA GLU A 299 -19.94 -4.09 23.18
C GLU A 299 -19.72 -5.18 22.14
N HIS A 300 -20.76 -5.54 21.39
CA HIS A 300 -20.47 -6.08 20.07
C HIS A 300 -19.56 -5.11 19.30
N LEU A 301 -19.43 -3.89 19.81
CA LEU A 301 -18.38 -2.95 19.49
C LEU A 301 -17.02 -3.64 19.51
N LEU A 302 -16.19 -3.29 18.53
CA LEU A 302 -14.86 -3.84 18.43
C LEU A 302 -13.93 -3.15 19.44
N GLU A 303 -12.97 -3.92 19.94
CA GLU A 303 -11.91 -3.31 20.73
C GLU A 303 -10.83 -2.69 19.84
N ARG A 304 -10.60 -3.26 18.67
CA ARG A 304 -9.70 -2.71 17.67
C ARG A 304 -10.27 -3.01 16.30
N PRO A 305 -9.90 -2.23 15.29
CA PRO A 305 -10.49 -2.41 13.96
C PRO A 305 -10.36 -3.85 13.45
N ARG A 306 -11.46 -4.37 12.93
CA ARG A 306 -11.49 -5.68 12.29
C ARG A 306 -11.09 -5.60 10.82
N VAL A 307 -11.50 -4.52 10.14
CA VAL A 307 -11.14 -4.24 8.76
C VAL A 307 -10.70 -2.78 8.69
N ILE A 308 -9.56 -2.53 8.06
CA ILE A 308 -9.02 -1.17 7.96
C ILE A 308 -9.12 -0.69 6.52
N MET A 309 -9.43 0.60 6.36
CA MET A 309 -9.35 1.25 5.06
C MET A 309 -7.92 1.72 4.84
N SER A 310 -7.29 1.24 3.77
CA SER A 310 -5.92 1.59 3.45
C SER A 310 -5.91 2.79 2.51
N SER A 311 -5.21 3.86 2.91
CA SER A 311 -4.98 5.02 2.05
C SER A 311 -3.62 4.95 1.36
N GLU A 312 -3.11 3.74 1.12
CA GLU A 312 -1.75 3.63 0.59
C GLU A 312 -1.66 4.19 -0.83
N LYS A 313 -2.70 4.02 -1.63
CA LYS A 313 -2.65 4.51 -3.01
C LYS A 313 -2.53 6.03 -3.04
N LEU A 314 -3.34 6.72 -2.23
CA LEU A 314 -3.29 8.18 -2.20
C LEU A 314 -1.96 8.67 -1.63
N VAL A 315 -1.46 8.01 -0.58
CA VAL A 315 -0.20 8.44 0.02
C VAL A 315 0.96 8.17 -0.94
N ARG A 316 0.96 7.02 -1.61
CA ARG A 316 1.99 6.75 -2.61
C ARG A 316 1.94 7.76 -3.74
N GLU A 317 0.73 8.17 -4.14
CA GLU A 317 0.61 9.16 -5.21
C GLU A 317 1.33 10.45 -4.87
N GLY A 318 1.42 10.79 -3.58
CA GLY A 318 2.16 11.97 -3.17
C GLY A 318 1.50 12.79 -2.09
N PHE A 319 0.30 12.40 -1.65
CA PHE A 319 -0.43 13.14 -0.64
C PHE A 319 -0.01 12.72 0.76
N GLU A 320 0.00 13.68 1.67
CA GLU A 320 0.32 13.43 3.08
C GLU A 320 -0.77 14.03 3.95
N TYR A 321 -1.31 13.22 4.87
CA TYR A 321 -2.30 13.71 5.81
C TYR A 321 -1.63 14.58 6.86
N ARG A 322 -2.25 15.72 7.16
CA ARG A 322 -1.77 16.61 8.21
C ARG A 322 -2.47 16.39 9.55
N HIS A 323 -3.63 15.76 9.55
CA HIS A 323 -4.38 15.48 10.78
C HIS A 323 -4.36 13.96 10.98
N ASN A 324 -3.51 13.49 11.89
CA ASN A 324 -3.20 12.08 12.00
C ASN A 324 -3.61 11.44 13.32
N THR A 325 -3.85 12.22 14.37
CA THR A 325 -4.33 11.68 15.62
C THR A 325 -5.80 12.09 15.84
N LEU A 326 -6.45 11.41 16.78
CA LEU A 326 -7.81 11.79 17.15
C LEU A 326 -7.85 13.25 17.59
N ASP A 327 -6.84 13.70 18.34
CA ASP A 327 -6.80 15.09 18.75
C ASP A 327 -6.73 16.03 17.55
N GLU A 328 -5.95 15.66 16.54
CA GLU A 328 -5.82 16.49 15.35
C GLU A 328 -7.05 16.39 14.45
N ILE A 329 -7.72 15.24 14.42
CA ILE A 329 -8.93 15.11 13.61
C ILE A 329 -10.09 15.85 14.24
N TYR A 330 -10.16 15.85 15.58
CA TYR A 330 -11.19 16.57 16.32
C TYR A 330 -10.70 17.91 16.86
N ASP A 331 -9.88 18.62 16.09
CA ASP A 331 -9.25 19.83 16.62
C ASP A 331 -10.19 21.02 16.64
N ASN A 332 -11.20 21.06 15.75
CA ASN A 332 -12.05 22.24 15.68
C ASN A 332 -13.52 21.92 15.39
N VAL A 333 -13.93 20.65 15.46
CA VAL A 333 -15.31 20.31 15.11
C VAL A 333 -16.28 20.70 16.22
N VAL A 334 -15.85 20.64 17.48
CA VAL A 334 -16.79 20.89 18.58
C VAL A 334 -17.29 22.32 18.53
N GLU A 335 -16.39 23.29 18.35
CA GLU A 335 -16.81 24.67 18.18
C GLU A 335 -17.77 24.82 17.01
N TYR A 336 -17.48 24.15 15.89
CA TYR A 336 -18.39 24.16 14.75
C TYR A 336 -19.76 23.61 15.13
N GLY A 337 -19.78 22.48 15.85
CA GLY A 337 -21.04 21.93 16.30
C GLY A 337 -21.83 22.91 17.15
N LYS A 338 -21.15 23.68 17.99
CA LYS A 338 -21.81 24.72 18.76
C LYS A 338 -22.43 25.76 17.83
N ALA A 339 -21.64 26.25 16.86
CA ALA A 339 -22.15 27.29 15.95
C ALA A 339 -23.32 26.80 15.12
N LEU A 340 -23.40 25.49 14.87
CA LEU A 340 -24.49 24.94 14.08
C LEU A 340 -25.72 24.61 14.91
N GLY A 341 -25.64 24.75 16.23
CA GLY A 341 -26.74 24.34 17.09
C GLY A 341 -26.82 22.85 17.34
N ILE A 342 -25.85 22.08 16.85
CA ILE A 342 -25.87 20.64 17.08
C ILE A 342 -25.50 20.34 18.54
N LEU A 343 -24.58 21.12 19.10
CA LEU A 343 -24.20 21.09 20.51
C LEU A 343 -24.74 22.33 21.22
N PRO A 344 -25.23 22.20 22.45
CA PRO A 344 -25.74 23.36 23.17
C PRO A 344 -24.64 24.33 23.56
N TYR A 345 -23.64 23.80 24.25
CA TYR A 345 -22.58 24.61 24.84
C TYR A 345 -21.21 24.05 24.49
N LEU B 11 9.19 -39.55 3.33
CA LEU B 11 8.94 -38.15 3.02
C LEU B 11 9.88 -37.65 1.92
N LYS B 12 9.50 -36.56 1.27
CA LYS B 12 10.40 -35.86 0.38
C LYS B 12 11.33 -34.96 1.22
N THR B 13 12.61 -34.96 0.87
CA THR B 13 13.63 -34.31 1.67
C THR B 13 14.27 -33.17 0.89
N ALA B 14 14.49 -32.05 1.58
CA ALA B 14 15.05 -30.86 0.98
C ALA B 14 16.27 -30.42 1.77
N CYS B 15 17.28 -29.93 1.06
CA CYS B 15 18.48 -29.38 1.67
C CYS B 15 18.46 -27.87 1.54
N VAL B 16 18.82 -27.17 2.63
CA VAL B 16 18.89 -25.72 2.66
C VAL B 16 20.26 -25.35 3.21
N THR B 17 21.10 -24.73 2.40
CA THR B 17 22.41 -24.29 2.85
C THR B 17 22.31 -22.96 3.56
N GLY B 18 22.99 -22.85 4.71
CA GLY B 18 22.96 -21.64 5.50
C GLY B 18 21.68 -21.47 6.30
N GLY B 19 21.38 -22.43 7.17
CA GLY B 19 20.15 -22.41 7.94
C GLY B 19 20.05 -21.28 8.93
N ASN B 20 21.16 -20.64 9.27
CA ASN B 20 21.14 -19.50 10.17
C ASN B 20 20.93 -18.18 9.44
N GLY B 21 20.90 -18.20 8.11
CA GLY B 21 20.69 -16.98 7.36
C GLY B 21 19.25 -16.50 7.40
N TYR B 22 19.08 -15.22 7.06
CA TYR B 22 17.75 -14.60 7.00
C TYR B 22 16.80 -15.43 6.13
N ILE B 23 17.06 -15.49 4.83
CA ILE B 23 16.17 -16.22 3.93
C ILE B 23 16.21 -17.71 4.21
N GLY B 24 17.40 -18.25 4.50
CA GLY B 24 17.52 -19.67 4.77
C GLY B 24 16.63 -20.14 5.91
N SER B 25 16.62 -19.38 7.02
CA SER B 25 15.80 -19.77 8.17
C SER B 25 14.32 -19.77 7.83
N ALA B 26 13.88 -18.78 7.03
CA ALA B 26 12.47 -18.73 6.63
C ALA B 26 12.12 -19.87 5.70
N LEU B 27 13.01 -20.19 4.75
CA LEU B 27 12.77 -21.30 3.85
C LEU B 27 12.59 -22.61 4.61
N ILE B 28 13.48 -22.87 5.58
CA ILE B 28 13.39 -24.10 6.35
C ILE B 28 12.04 -24.20 7.06
N LYS B 29 11.61 -23.11 7.68
CA LYS B 29 10.34 -23.09 8.38
C LYS B 29 9.20 -23.45 7.44
N MET B 30 9.20 -22.88 6.23
CA MET B 30 8.13 -23.15 5.29
C MET B 30 8.17 -24.60 4.80
N LEU B 31 9.36 -25.10 4.45
CA LEU B 31 9.45 -26.47 3.96
C LEU B 31 8.92 -27.45 4.99
N LEU B 32 9.32 -27.28 6.25
CA LEU B 32 8.79 -28.13 7.32
C LEU B 32 7.27 -28.04 7.39
N GLU B 33 6.72 -26.81 7.37
CA GLU B 33 5.28 -26.64 7.40
C GLU B 33 4.59 -27.36 6.26
N GLU B 34 5.23 -27.42 5.08
CA GLU B 34 4.66 -28.09 3.93
C GLU B 34 4.94 -29.58 3.90
N GLY B 35 5.47 -30.16 4.99
CA GLY B 35 5.59 -31.60 5.09
C GLY B 35 6.89 -32.18 4.58
N TYR B 36 7.89 -31.35 4.26
CA TYR B 36 9.18 -31.87 3.85
C TYR B 36 10.04 -32.24 5.05
N ALA B 37 10.86 -33.26 4.88
CA ALA B 37 12.02 -33.43 5.74
C ALA B 37 13.13 -32.53 5.22
N VAL B 38 13.85 -31.89 6.14
CA VAL B 38 14.81 -30.85 5.78
C VAL B 38 16.15 -31.16 6.39
N LYS B 39 17.20 -31.07 5.57
CA LYS B 39 18.58 -31.06 6.02
C LYS B 39 19.17 -29.70 5.72
N THR B 40 19.77 -29.07 6.72
CA THR B 40 20.36 -27.75 6.56
C THR B 40 21.79 -27.77 7.06
N THR B 41 22.62 -26.92 6.46
CA THR B 41 24.00 -26.77 6.86
C THR B 41 24.21 -25.41 7.50
N VAL B 42 25.03 -25.38 8.53
CA VAL B 42 25.54 -24.14 9.11
C VAL B 42 27.03 -24.33 9.33
N ARG B 43 27.75 -23.22 9.50
CA ARG B 43 29.20 -23.31 9.60
C ARG B 43 29.69 -23.58 11.01
N ASN B 44 28.98 -23.09 12.05
CA ASN B 44 29.32 -23.37 13.44
C ASN B 44 28.04 -23.71 14.20
N PRO B 45 27.59 -24.97 14.12
CA PRO B 45 26.37 -25.36 14.85
C PRO B 45 26.46 -25.13 16.34
N ASP B 46 27.67 -25.08 16.91
CA ASP B 46 27.80 -24.88 18.35
C ASP B 46 27.39 -23.48 18.78
N ASP B 47 27.32 -22.52 17.86
CA ASP B 47 26.88 -21.17 18.16
C ASP B 47 25.35 -21.17 18.24
N MET B 48 24.83 -21.40 19.44
CA MET B 48 23.39 -21.40 19.62
C MET B 48 22.80 -20.00 19.77
N GLU B 49 23.64 -18.96 19.89
CA GLU B 49 23.15 -17.60 19.69
C GLU B 49 22.57 -17.44 18.29
N LYS B 50 23.29 -17.94 17.29
CA LYS B 50 22.88 -17.80 15.89
C LYS B 50 21.87 -18.85 15.47
N ASN B 51 21.93 -20.04 16.07
CA ASN B 51 21.23 -21.21 15.53
C ASN B 51 20.12 -21.75 16.43
N SER B 52 19.70 -20.98 17.44
CA SER B 52 18.68 -21.49 18.35
C SER B 52 17.36 -21.76 17.63
N HIS B 53 17.05 -20.99 16.58
CA HIS B 53 15.83 -21.24 15.83
C HIS B 53 15.83 -22.64 15.21
N LEU B 54 17.02 -23.16 14.87
CA LEU B 54 17.10 -24.49 14.29
C LEU B 54 16.71 -25.57 15.30
N LYS B 55 17.04 -25.38 16.58
CA LYS B 55 16.56 -26.30 17.60
C LYS B 55 15.05 -26.14 17.80
N GLY B 56 14.56 -24.89 17.81
CA GLY B 56 13.13 -24.67 17.93
C GLY B 56 12.36 -25.36 16.81
N LEU B 57 12.80 -25.18 15.58
CA LEU B 57 12.17 -25.87 14.46
C LEU B 57 12.40 -27.38 14.54
N GLN B 58 13.56 -27.80 15.04
CA GLN B 58 13.89 -29.22 15.09
C GLN B 58 13.05 -29.98 16.12
N GLU B 59 12.49 -29.29 17.10
CA GLU B 59 11.57 -29.92 18.03
C GLU B 59 10.14 -29.97 17.49
N LEU B 60 9.91 -29.44 16.29
CA LEU B 60 8.58 -29.42 15.69
C LEU B 60 8.46 -30.29 14.44
N GLY B 61 9.53 -30.45 13.67
CA GLY B 61 9.49 -31.21 12.44
C GLY B 61 10.79 -31.93 12.15
N PRO B 62 10.80 -32.74 11.10
CA PRO B 62 12.01 -33.52 10.78
C PRO B 62 13.09 -32.65 10.18
N LEU B 63 13.91 -32.04 11.03
CA LEU B 63 14.99 -31.16 10.61
C LEU B 63 16.32 -31.74 11.07
N THR B 64 17.27 -31.82 10.14
CA THR B 64 18.63 -32.24 10.42
C THR B 64 19.57 -31.06 10.21
N VAL B 65 20.51 -30.88 11.14
CA VAL B 65 21.47 -29.78 11.09
C VAL B 65 22.86 -30.37 10.95
N LEU B 66 23.59 -29.92 9.91
CA LEU B 66 24.94 -30.39 9.63
C LEU B 66 25.88 -29.21 9.54
N ARG B 67 27.18 -29.51 9.58
CA ARG B 67 28.23 -28.50 9.54
C ARG B 67 28.93 -28.55 8.18
N ALA B 68 29.00 -27.40 7.50
CA ALA B 68 29.66 -27.36 6.20
C ALA B 68 29.98 -25.92 5.85
N ASP B 69 31.13 -25.72 5.21
CA ASP B 69 31.50 -24.45 4.61
C ASP B 69 31.53 -24.65 3.10
N MET B 70 30.70 -23.88 2.38
CA MET B 70 30.57 -24.07 0.94
C MET B 70 31.87 -23.83 0.20
N ASP B 71 32.83 -23.13 0.81
CA ASP B 71 34.09 -22.86 0.15
C ASP B 71 35.02 -24.07 0.14
N GLU B 72 34.66 -25.15 0.80
CA GLU B 72 35.48 -26.36 0.87
C GLU B 72 34.83 -27.44 0.03
N GLU B 73 35.55 -27.90 -0.99
CA GLU B 73 34.99 -28.85 -1.94
C GLU B 73 34.50 -30.12 -1.22
N GLY B 74 33.31 -30.58 -1.60
CA GLY B 74 32.73 -31.79 -1.05
C GLY B 74 32.11 -31.64 0.32
N SER B 75 32.23 -30.48 0.97
CA SER B 75 31.67 -30.33 2.32
C SER B 75 30.16 -30.55 2.32
N LEU B 76 29.49 -30.31 1.20
CA LEU B 76 28.05 -30.43 1.11
C LEU B 76 27.59 -31.83 0.72
N ASP B 77 28.52 -32.74 0.43
CA ASP B 77 28.15 -34.07 -0.05
C ASP B 77 27.14 -34.74 0.88
N ASP B 78 27.45 -34.79 2.18
CA ASP B 78 26.60 -35.53 3.11
C ASP B 78 25.23 -34.88 3.25
N ALA B 79 25.19 -33.55 3.39
CA ALA B 79 23.93 -32.88 3.65
C ALA B 79 22.94 -33.07 2.50
N VAL B 80 23.42 -32.99 1.26
CA VAL B 80 22.53 -33.11 0.11
C VAL B 80 22.28 -34.56 -0.29
N ALA B 81 23.02 -35.51 0.26
CA ALA B 81 22.75 -36.91 -0.01
C ALA B 81 21.32 -37.25 0.38
N GLY B 82 20.64 -37.99 -0.50
CA GLY B 82 19.28 -38.42 -0.22
C GLY B 82 18.23 -37.33 -0.29
N CYS B 83 18.55 -36.16 -0.85
CA CYS B 83 17.60 -35.07 -0.96
C CYS B 83 16.97 -35.04 -2.35
N ASP B 84 15.69 -34.70 -2.39
CA ASP B 84 15.01 -34.52 -3.67
C ASP B 84 15.28 -33.14 -4.25
N TYR B 85 15.40 -32.13 -3.40
CA TYR B 85 15.59 -30.75 -3.81
C TYR B 85 16.74 -30.15 -3.02
N ALA B 86 17.50 -29.28 -3.67
CA ALA B 86 18.60 -28.57 -3.03
C ALA B 86 18.36 -27.07 -3.18
N PHE B 87 18.13 -26.39 -2.07
CA PHE B 87 17.96 -24.94 -2.05
C PHE B 87 19.29 -24.31 -1.64
N LEU B 88 20.01 -23.78 -2.62
CA LEU B 88 21.31 -23.16 -2.37
C LEU B 88 21.09 -21.69 -2.05
N VAL B 89 20.86 -21.40 -0.78
CA VAL B 89 20.64 -20.04 -0.31
C VAL B 89 21.93 -19.40 0.20
N ALA B 90 22.76 -20.18 0.91
CA ALA B 90 24.00 -19.63 1.45
C ALA B 90 24.90 -19.11 0.33
N ALA B 91 25.48 -17.94 0.55
CA ALA B 91 26.36 -17.32 -0.42
C ALA B 91 27.15 -16.22 0.27
N PRO B 92 28.35 -15.90 -0.23
CA PRO B 92 29.09 -14.76 0.32
C PRO B 92 28.29 -13.47 0.14
N VAL B 93 28.22 -12.67 1.20
CA VAL B 93 27.46 -11.44 1.16
C VAL B 93 28.32 -10.27 1.64
N ASN B 94 29.57 -10.22 1.17
CA ASN B 94 30.44 -9.08 1.45
C ASN B 94 30.23 -8.05 0.35
N LEU B 95 29.11 -7.32 0.45
CA LEU B 95 28.76 -6.33 -0.56
C LEU B 95 29.80 -5.21 -0.67
N TRP B 96 30.56 -4.96 0.39
CA TRP B 96 31.45 -3.80 0.45
C TRP B 96 32.88 -4.22 0.75
N ALA B 97 33.28 -5.41 0.32
CA ALA B 97 34.62 -5.90 0.59
C ALA B 97 35.69 -4.96 0.04
N GLN B 98 36.82 -4.90 0.73
CA GLN B 98 37.96 -4.13 0.21
C GLN B 98 38.48 -4.74 -1.08
N ASP B 99 38.56 -6.07 -1.15
CA ASP B 99 39.06 -6.80 -2.31
C ASP B 99 37.94 -7.69 -2.84
N PRO B 100 37.02 -7.12 -3.64
CA PRO B 100 35.85 -7.90 -4.06
C PRO B 100 36.19 -9.15 -4.86
N GLU B 101 37.14 -9.06 -5.80
CA GLU B 101 37.44 -10.24 -6.62
C GLU B 101 37.78 -11.45 -5.75
N LYS B 102 38.57 -11.25 -4.70
CA LYS B 102 39.01 -12.36 -3.87
C LYS B 102 38.08 -12.64 -2.70
N GLN B 103 37.37 -11.64 -2.21
CA GLN B 103 36.53 -11.81 -1.03
C GLN B 103 35.05 -12.02 -1.36
N GLN B 104 34.62 -11.70 -2.58
CA GLN B 104 33.21 -11.83 -2.94
C GLN B 104 33.03 -12.65 -4.22
N ILE B 105 33.71 -12.26 -5.30
CA ILE B 105 33.43 -12.84 -6.61
C ILE B 105 33.95 -14.26 -6.69
N GLU B 106 35.25 -14.44 -6.47
CA GLU B 106 35.82 -15.79 -6.57
C GLU B 106 35.18 -16.76 -5.60
N PRO B 107 35.01 -16.45 -4.31
CA PRO B 107 34.33 -17.40 -3.42
C PRO B 107 32.90 -17.69 -3.83
N SER B 108 32.20 -16.74 -4.44
CA SER B 108 30.83 -17.01 -4.86
C SER B 108 30.79 -18.05 -5.96
N VAL B 109 31.59 -17.87 -7.00
CA VAL B 109 31.60 -18.82 -8.11
C VAL B 109 32.07 -20.19 -7.64
N ARG B 110 33.17 -20.20 -6.88
CA ARG B 110 33.73 -21.47 -6.42
C ARG B 110 32.77 -22.21 -5.49
N GLY B 111 32.08 -21.47 -4.62
CA GLY B 111 31.18 -22.12 -3.68
C GLY B 111 29.93 -22.65 -4.33
N THR B 112 29.42 -21.94 -5.33
CA THR B 112 28.24 -22.44 -6.05
C THR B 112 28.57 -23.69 -6.84
N LEU B 113 29.73 -23.71 -7.51
CA LEU B 113 30.13 -24.92 -8.23
C LEU B 113 30.34 -26.08 -7.27
N ASN B 114 30.98 -25.83 -6.13
CA ASN B 114 31.11 -26.88 -5.12
C ASN B 114 29.75 -27.46 -4.75
N ALA B 115 28.75 -26.60 -4.55
CA ALA B 115 27.45 -27.07 -4.11
C ALA B 115 26.75 -27.89 -5.18
N VAL B 116 26.78 -27.41 -6.43
CA VAL B 116 26.12 -28.15 -7.51
C VAL B 116 26.80 -29.50 -7.71
N ARG B 117 28.14 -29.52 -7.61
CA ARG B 117 28.86 -30.80 -7.72
C ARG B 117 28.35 -31.81 -6.69
N SER B 118 28.16 -31.36 -5.45
CA SER B 118 27.59 -32.24 -4.43
C SER B 118 26.21 -32.72 -4.81
N CYS B 119 25.37 -31.83 -5.36
CA CYS B 119 24.02 -32.21 -5.76
C CYS B 119 24.07 -33.27 -6.84
N VAL B 120 24.92 -33.10 -7.85
CA VAL B 120 25.10 -34.12 -8.87
C VAL B 120 25.53 -35.43 -8.23
N LYS B 121 26.59 -35.38 -7.42
CA LYS B 121 27.11 -36.57 -6.75
C LYS B 121 26.01 -37.34 -6.04
N ALA B 122 25.06 -36.62 -5.42
CA ALA B 122 24.03 -37.29 -4.62
C ALA B 122 23.16 -38.21 -5.46
N GLY B 123 22.94 -37.87 -6.73
CA GLY B 123 22.18 -38.71 -7.62
C GLY B 123 20.67 -38.62 -7.44
N THR B 124 20.22 -38.26 -6.23
CA THR B 124 18.80 -38.19 -5.92
C THR B 124 18.20 -36.81 -6.16
N VAL B 125 19.02 -35.77 -6.33
CA VAL B 125 18.52 -34.41 -6.37
C VAL B 125 17.76 -34.21 -7.68
N ARG B 126 16.45 -34.00 -7.56
CA ARG B 126 15.62 -33.80 -8.75
C ARG B 126 15.84 -32.41 -9.34
N ARG B 127 16.06 -31.41 -8.50
CA ARG B 127 16.20 -30.05 -8.98
C ARG B 127 17.00 -29.24 -7.97
N VAL B 128 17.91 -28.40 -8.48
CA VAL B 128 18.66 -27.45 -7.68
C VAL B 128 17.99 -26.10 -7.81
N ILE B 129 17.72 -25.46 -6.67
CA ILE B 129 17.12 -24.12 -6.64
C ILE B 129 18.18 -23.17 -6.11
N LEU B 130 18.75 -22.37 -7.01
CA LEU B 130 19.80 -21.42 -6.68
C LEU B 130 19.18 -20.05 -6.39
N THR B 131 19.44 -19.52 -5.21
CA THR B 131 19.00 -18.17 -4.87
C THR B 131 20.12 -17.20 -5.27
N SER B 132 19.85 -16.36 -6.26
CA SER B 132 20.74 -15.29 -6.67
C SER B 132 20.13 -13.96 -6.21
N SER B 133 20.10 -12.92 -7.04
CA SER B 133 19.61 -11.62 -6.63
C SER B 133 19.29 -10.79 -7.86
N ALA B 134 18.41 -9.82 -7.68
CA ALA B 134 18.13 -8.87 -8.76
C ALA B 134 19.37 -8.08 -9.16
N ALA B 135 20.42 -8.08 -8.33
CA ALA B 135 21.65 -7.39 -8.68
C ALA B 135 22.33 -8.00 -9.91
N GLY B 136 22.02 -9.24 -10.24
CA GLY B 136 22.49 -9.85 -11.46
C GLY B 136 21.67 -9.52 -12.68
N VAL B 137 20.67 -8.65 -12.53
CA VAL B 137 19.71 -8.37 -13.60
C VAL B 137 19.72 -6.88 -14.00
N TYR B 138 19.67 -5.99 -13.01
CA TYR B 138 19.20 -4.63 -13.27
C TYR B 138 20.31 -3.58 -13.40
N ILE B 139 21.58 -3.98 -13.44
CA ILE B 139 22.62 -3.02 -13.78
C ILE B 139 22.63 -2.82 -15.29
N ARG B 140 21.89 -1.82 -15.77
CA ARG B 140 21.63 -1.63 -17.20
C ARG B 140 21.84 -0.16 -17.56
N PRO B 141 23.10 0.31 -17.59
CA PRO B 141 23.36 1.70 -17.97
C PRO B 141 23.07 2.00 -19.44
N ASP B 142 22.76 1.00 -20.25
CA ASP B 142 22.41 1.23 -21.65
C ASP B 142 20.96 1.66 -21.82
N LEU B 143 20.12 1.51 -20.80
CA LEU B 143 18.72 1.92 -20.85
C LEU B 143 18.60 3.29 -20.21
N GLN B 144 18.27 4.30 -21.02
CA GLN B 144 18.01 5.65 -20.52
C GLN B 144 16.53 5.98 -20.68
N GLY B 145 16.13 7.09 -20.05
CA GLY B 145 14.73 7.43 -20.02
C GLY B 145 13.94 6.45 -19.16
N ASP B 146 12.63 6.62 -19.19
CA ASP B 146 11.71 5.80 -18.42
C ASP B 146 10.95 4.86 -19.35
N GLY B 147 9.98 4.14 -18.78
CA GLY B 147 9.18 3.19 -19.53
C GLY B 147 9.82 1.84 -19.73
N HIS B 148 10.99 1.60 -19.14
CA HIS B 148 11.68 0.33 -19.31
C HIS B 148 11.14 -0.72 -18.35
N ALA B 149 11.17 -1.98 -18.79
CA ALA B 149 10.74 -3.10 -17.98
C ALA B 149 11.70 -4.25 -18.21
N LEU B 150 12.36 -4.71 -17.15
CA LEU B 150 13.36 -5.77 -17.26
C LEU B 150 12.73 -7.13 -16.98
N ASP B 151 13.20 -8.14 -17.70
CA ASP B 151 12.81 -9.52 -17.43
C ASP B 151 14.05 -10.40 -17.34
N GLU B 152 13.87 -11.72 -17.37
CA GLU B 152 14.97 -12.65 -17.14
C GLU B 152 16.06 -12.58 -18.20
N ASP B 153 15.80 -11.95 -19.35
CA ASP B 153 16.85 -11.79 -20.36
C ASP B 153 17.82 -10.68 -20.03
N SER B 154 17.52 -9.84 -19.04
CA SER B 154 18.41 -8.75 -18.67
C SER B 154 19.51 -9.25 -17.73
N TRP B 155 20.76 -8.97 -18.08
CA TRP B 155 21.91 -9.31 -17.26
C TRP B 155 22.65 -8.04 -16.88
N SER B 156 23.11 -7.98 -15.64
CA SER B 156 23.87 -6.80 -15.19
C SER B 156 25.17 -6.68 -15.96
N ASP B 157 25.52 -5.45 -16.31
CA ASP B 157 26.68 -5.16 -17.16
C ASP B 157 27.95 -5.32 -16.33
N VAL B 158 28.60 -6.48 -16.46
CA VAL B 158 29.81 -6.75 -15.68
C VAL B 158 30.93 -5.79 -16.07
N ASP B 159 31.11 -5.55 -17.37
CA ASP B 159 32.17 -4.65 -17.82
C ASP B 159 31.99 -3.26 -17.23
N PHE B 160 30.76 -2.74 -17.26
CA PHE B 160 30.49 -1.44 -16.66
C PHE B 160 30.78 -1.46 -15.16
N LEU B 161 30.44 -2.57 -14.49
CA LEU B 161 30.65 -2.66 -13.06
C LEU B 161 32.14 -2.68 -12.71
N ARG B 162 32.94 -3.41 -13.49
CA ARG B 162 34.37 -3.49 -13.19
C ARG B 162 35.10 -2.21 -13.57
N ALA B 163 34.63 -1.50 -14.59
CA ALA B 163 35.28 -0.25 -14.99
C ALA B 163 35.01 0.85 -13.97
N ASN B 164 33.75 1.02 -13.56
CA ASN B 164 33.36 2.12 -12.69
C ASN B 164 33.34 1.76 -11.21
N LYS B 165 33.14 0.49 -10.89
CA LYS B 165 33.19 0.00 -9.51
C LYS B 165 32.36 0.86 -8.55
N PRO B 166 31.06 1.01 -8.80
CA PRO B 166 30.20 1.67 -7.82
C PRO B 166 30.10 0.83 -6.56
N PRO B 167 29.58 1.38 -5.47
CA PRO B 167 29.42 0.59 -4.25
C PRO B 167 28.63 -0.69 -4.52
N THR B 168 29.11 -1.80 -3.95
CA THR B 168 28.51 -3.13 -4.10
C THR B 168 28.71 -3.71 -5.50
N TRP B 169 29.63 -3.13 -6.29
CA TRP B 169 29.85 -3.64 -7.63
C TRP B 169 30.29 -5.10 -7.60
N GLY B 170 31.11 -5.48 -6.61
CA GLY B 170 31.56 -6.85 -6.55
C GLY B 170 30.44 -7.83 -6.30
N TYR B 171 29.44 -7.42 -5.51
CA TYR B 171 28.26 -8.25 -5.30
C TYR B 171 27.50 -8.48 -6.59
N CYS B 172 27.26 -7.40 -7.35
CA CYS B 172 26.52 -7.53 -8.60
C CYS B 172 27.26 -8.43 -9.58
N VAL B 173 28.58 -8.29 -9.68
CA VAL B 173 29.36 -9.12 -10.58
C VAL B 173 29.31 -10.58 -10.13
N SER B 174 29.46 -10.81 -8.82
CA SER B 174 29.48 -12.17 -8.32
C SER B 174 28.17 -12.91 -8.65
N LYS B 175 27.05 -12.19 -8.62
CA LYS B 175 25.78 -12.82 -8.98
C LYS B 175 25.76 -13.22 -10.45
N VAL B 176 26.17 -12.31 -11.34
CA VAL B 176 26.20 -12.63 -12.76
C VAL B 176 27.10 -13.84 -13.02
N LEU B 177 28.33 -13.81 -12.50
CA LEU B 177 29.29 -14.86 -12.84
C LEU B 177 28.89 -16.19 -12.22
N LEU B 178 28.38 -16.20 -10.99
CA LEU B 178 28.04 -17.46 -10.36
C LEU B 178 26.81 -18.08 -11.00
N GLU B 179 25.84 -17.26 -11.43
CA GLU B 179 24.70 -17.79 -12.16
C GLU B 179 25.13 -18.48 -13.44
N LYS B 180 25.96 -17.79 -14.24
CA LYS B 180 26.40 -18.37 -15.51
C LYS B 180 27.24 -19.61 -15.27
N ALA B 181 28.12 -19.58 -14.28
CA ALA B 181 28.90 -20.77 -13.95
C ALA B 181 27.99 -21.91 -13.51
N ALA B 182 27.03 -21.60 -12.64
CA ALA B 182 26.10 -22.64 -12.17
C ALA B 182 25.30 -23.20 -13.32
N CYS B 183 24.72 -22.33 -14.15
CA CYS B 183 23.92 -22.79 -15.27
C CYS B 183 24.73 -23.70 -16.18
N ARG B 184 25.96 -23.30 -16.50
CA ARG B 184 26.80 -24.11 -17.37
C ARG B 184 27.13 -25.46 -16.72
N PHE B 185 27.55 -25.44 -15.46
CA PHE B 185 27.88 -26.69 -14.77
C PHE B 185 26.68 -27.61 -14.73
N ALA B 186 25.51 -27.09 -14.34
CA ALA B 186 24.32 -27.92 -14.25
C ALA B 186 23.99 -28.56 -15.60
N GLU B 187 24.08 -27.79 -16.68
CA GLU B 187 23.74 -28.33 -17.99
C GLU B 187 24.79 -29.33 -18.48
N GLU B 188 26.06 -29.12 -18.14
CA GLU B 188 27.11 -30.05 -18.55
C GLU B 188 27.03 -31.37 -17.79
N HIS B 189 26.36 -31.40 -16.65
CA HIS B 189 26.24 -32.62 -15.85
C HIS B 189 24.83 -33.17 -15.82
N GLY B 190 23.90 -32.57 -16.55
CA GLY B 190 22.56 -33.12 -16.67
C GLY B 190 21.73 -33.06 -15.41
N ILE B 191 21.84 -31.97 -14.64
CA ILE B 191 21.01 -31.76 -13.48
C ILE B 191 20.17 -30.50 -13.70
N SER B 192 18.89 -30.57 -13.35
CA SER B 192 17.99 -29.44 -13.53
C SER B 192 18.30 -28.34 -12.52
N LEU B 193 18.46 -27.11 -13.00
CA LEU B 193 18.77 -25.99 -12.14
C LEU B 193 17.83 -24.83 -12.44
N VAL B 194 17.15 -24.35 -11.39
CA VAL B 194 16.33 -23.15 -11.46
C VAL B 194 17.01 -22.07 -10.62
N THR B 195 17.12 -20.87 -11.18
CA THR B 195 17.71 -19.73 -10.49
C THR B 195 16.62 -18.72 -10.17
N VAL B 196 16.59 -18.24 -8.92
CA VAL B 196 15.64 -17.23 -8.47
C VAL B 196 16.41 -15.96 -8.17
N CYS B 197 15.96 -14.84 -8.75
CA CYS B 197 16.61 -13.57 -8.55
C CYS B 197 15.66 -12.63 -7.78
N PRO B 198 15.64 -12.73 -6.46
CA PRO B 198 14.72 -11.88 -5.69
C PRO B 198 15.23 -10.46 -5.61
N VAL B 199 14.29 -9.53 -5.47
CA VAL B 199 14.62 -8.14 -5.16
C VAL B 199 14.73 -8.03 -3.65
N LEU B 200 14.83 -6.80 -3.14
CA LEU B 200 14.88 -6.58 -1.70
C LEU B 200 13.74 -7.31 -1.01
N THR B 201 14.09 -8.18 -0.06
CA THR B 201 13.13 -9.07 0.60
C THR B 201 12.85 -8.57 2.01
N VAL B 202 11.57 -8.48 2.36
CA VAL B 202 11.12 -7.88 3.61
C VAL B 202 10.22 -8.87 4.34
N GLY B 203 10.31 -8.89 5.65
CA GLY B 203 9.42 -9.70 6.46
C GLY B 203 10.17 -10.48 7.54
N ALA B 204 9.38 -11.01 8.47
CA ALA B 204 9.93 -11.72 9.63
C ALA B 204 10.41 -13.11 9.25
N ALA B 205 11.46 -13.56 9.93
CA ALA B 205 12.02 -14.89 9.75
C ALA B 205 12.41 -15.48 11.11
N PRO B 206 12.66 -16.78 11.18
CA PRO B 206 13.01 -17.38 12.49
C PRO B 206 14.39 -17.01 13.00
N ALA B 207 15.32 -16.62 12.13
CA ALA B 207 16.70 -16.42 12.55
C ALA B 207 16.78 -15.31 13.59
N PRO B 208 17.47 -15.51 14.72
CA PRO B 208 17.45 -14.52 15.80
C PRO B 208 18.53 -13.44 15.72
N LYS B 209 19.60 -13.67 14.95
CA LYS B 209 20.73 -12.75 14.94
C LYS B 209 21.11 -12.30 13.54
N VAL B 210 20.12 -12.15 12.66
CA VAL B 210 20.40 -11.68 11.30
C VAL B 210 20.41 -10.16 11.29
N ARG B 211 21.13 -9.61 10.30
CA ARG B 211 21.07 -8.18 10.00
C ARG B 211 20.72 -8.02 8.52
N THR B 212 21.67 -8.28 7.63
CA THR B 212 21.50 -8.25 6.18
C THR B 212 20.66 -7.06 5.76
N SER B 213 19.76 -7.29 4.81
CA SER B 213 18.98 -6.22 4.21
C SER B 213 17.94 -5.63 5.15
N ILE B 214 17.65 -6.27 6.29
CA ILE B 214 16.65 -5.73 7.20
C ILE B 214 17.10 -4.37 7.72
N VAL B 215 18.40 -4.21 7.99
CA VAL B 215 18.91 -2.92 8.42
C VAL B 215 18.53 -1.84 7.42
N ASP B 216 18.49 -2.19 6.13
CA ASP B 216 18.24 -1.19 5.09
C ASP B 216 16.75 -0.96 4.89
N SER B 217 15.97 -2.05 4.84
CA SER B 217 14.54 -1.93 4.61
C SER B 217 13.84 -1.22 5.77
N LEU B 218 14.44 -1.21 6.95
CA LEU B 218 13.88 -0.54 8.11
C LEU B 218 14.52 0.82 8.37
N SER B 219 15.40 1.28 7.47
CA SER B 219 16.21 2.46 7.76
C SER B 219 15.39 3.74 7.86
N MET B 220 14.26 3.82 7.14
CA MET B 220 13.45 5.02 7.25
C MET B 220 12.80 5.13 8.62
N LEU B 221 12.59 4.00 9.30
CA LEU B 221 12.06 4.02 10.66
C LEU B 221 13.17 4.15 11.70
N SER B 222 14.31 3.46 11.51
CA SER B 222 15.40 3.58 12.46
C SER B 222 16.13 4.92 12.32
N GLY B 223 16.06 5.53 11.15
CA GLY B 223 16.81 6.75 10.89
C GLY B 223 18.26 6.53 10.53
N ASP B 224 18.68 5.29 10.30
CA ASP B 224 20.07 5.01 9.99
C ASP B 224 20.38 5.54 8.60
N GLU B 225 21.41 6.39 8.50
CA GLU B 225 21.73 7.03 7.24
C GLU B 225 22.49 6.11 6.30
N ALA B 226 23.22 5.13 6.83
CA ALA B 226 23.86 4.14 5.97
C ALA B 226 22.80 3.27 5.29
N GLY B 227 21.83 2.78 6.06
CA GLY B 227 20.74 2.03 5.46
C GLY B 227 19.97 2.84 4.44
N LEU B 228 19.75 4.12 4.73
CA LEU B 228 19.07 4.99 3.78
C LEU B 228 19.86 5.12 2.48
N ALA B 229 21.19 5.23 2.59
CA ALA B 229 22.02 5.32 1.39
C ALA B 229 21.90 4.06 0.53
N VAL B 230 21.77 2.89 1.18
CA VAL B 230 21.63 1.65 0.43
C VAL B 230 20.34 1.66 -0.40
N LEU B 231 19.23 2.07 0.22
CA LEU B 231 17.98 2.14 -0.52
C LEU B 231 18.07 3.14 -1.66
N ARG B 232 18.66 4.30 -1.40
CA ARG B 232 18.86 5.28 -2.47
C ARG B 232 19.77 4.72 -3.56
N GLY B 233 20.80 3.96 -3.18
CA GLY B 233 21.68 3.36 -4.17
C GLY B 233 20.96 2.36 -5.05
N ILE B 234 20.06 1.57 -4.47
CA ILE B 234 19.26 0.64 -5.26
C ILE B 234 18.46 1.40 -6.32
N GLU B 235 17.72 2.42 -5.90
CA GLU B 235 16.92 3.19 -6.84
C GLU B 235 17.79 3.83 -7.91
N THR B 236 18.87 4.50 -7.49
CA THR B 236 19.74 5.20 -8.43
C THR B 236 20.29 4.24 -9.49
N THR B 237 20.78 3.08 -9.07
CA THR B 237 21.50 2.19 -9.97
C THR B 237 20.59 1.29 -10.80
N SER B 238 19.35 1.04 -10.35
CA SER B 238 18.47 0.12 -11.04
C SER B 238 17.22 0.76 -11.62
N GLY B 239 16.89 1.99 -11.22
CA GLY B 239 15.72 2.67 -11.74
C GLY B 239 14.46 2.53 -10.92
N ALA B 240 14.53 1.85 -9.77
CA ALA B 240 13.36 1.70 -8.91
C ALA B 240 13.81 1.10 -7.59
N LEU B 241 12.88 1.07 -6.64
CA LEU B 241 13.05 0.36 -5.38
C LEU B 241 12.07 -0.80 -5.40
N GLN B 242 12.59 -2.00 -5.64
CA GLN B 242 11.78 -3.20 -5.83
C GLN B 242 11.70 -4.00 -4.54
N LEU B 243 10.52 -4.54 -4.24
CA LEU B 243 10.27 -5.20 -2.97
C LEU B 243 9.55 -6.54 -3.17
N VAL B 244 9.78 -7.44 -2.21
CA VAL B 244 9.04 -8.69 -2.13
C VAL B 244 9.04 -9.12 -0.68
N HIS B 245 7.94 -9.74 -0.26
CA HIS B 245 7.82 -10.25 1.09
C HIS B 245 8.51 -11.59 1.20
N ILE B 246 9.17 -11.83 2.35
CA ILE B 246 9.89 -13.07 2.57
C ILE B 246 8.98 -14.28 2.32
N ASP B 247 7.73 -14.20 2.76
CA ASP B 247 6.81 -15.31 2.59
C ASP B 247 6.60 -15.64 1.11
N ASP B 248 6.43 -14.61 0.29
CA ASP B 248 6.24 -14.86 -1.14
C ASP B 248 7.51 -15.41 -1.78
N LEU B 249 8.67 -14.94 -1.33
CA LEU B 249 9.92 -15.49 -1.86
C LEU B 249 10.04 -16.97 -1.55
N CYS B 250 9.73 -17.37 -0.32
CA CYS B 250 9.86 -18.78 0.05
C CYS B 250 8.84 -19.64 -0.69
N ARG B 251 7.60 -19.16 -0.83
CA ARG B 251 6.62 -19.91 -1.61
C ARG B 251 7.05 -20.01 -3.08
N ALA B 252 7.66 -18.95 -3.59
CA ALA B 252 8.14 -18.98 -4.96
C ALA B 252 9.23 -20.02 -5.15
N GLU B 253 10.11 -20.16 -4.16
CA GLU B 253 11.18 -21.16 -4.27
C GLU B 253 10.60 -22.57 -4.21
N LEU B 254 9.65 -22.81 -3.30
CA LEU B 254 8.97 -24.10 -3.28
C LEU B 254 8.24 -24.34 -4.59
N PHE B 255 7.53 -23.32 -5.09
CA PHE B 255 6.82 -23.46 -6.35
C PHE B 255 7.77 -23.89 -7.46
N LEU B 256 8.87 -23.16 -7.65
CA LEU B 256 9.78 -23.47 -8.74
C LEU B 256 10.42 -24.84 -8.55
N ALA B 257 10.67 -25.24 -7.31
CA ALA B 257 11.21 -26.58 -7.06
C ALA B 257 10.22 -27.67 -7.45
N GLU B 258 8.95 -27.47 -7.14
CA GLU B 258 7.94 -28.50 -7.36
C GLU B 258 7.37 -28.50 -8.78
N GLU B 259 7.27 -27.35 -9.42
CA GLU B 259 6.64 -27.27 -10.73
C GLU B 259 7.62 -27.78 -11.78
N ALA B 260 7.39 -29.01 -12.24
CA ALA B 260 8.30 -29.65 -13.18
C ALA B 260 8.46 -28.82 -14.45
N ALA B 261 7.38 -28.17 -14.91
CA ALA B 261 7.44 -27.34 -16.09
C ALA B 261 8.32 -26.11 -15.90
N ALA B 262 8.73 -25.80 -14.67
CA ALA B 262 9.59 -24.66 -14.42
C ALA B 262 11.02 -24.97 -14.86
N GLY B 263 11.68 -23.95 -15.44
CA GLY B 263 13.05 -24.10 -15.87
C GLY B 263 13.74 -22.78 -16.13
N GLY B 264 15.03 -22.69 -15.76
CA GLY B 264 15.80 -21.49 -16.03
C GLY B 264 15.73 -20.45 -14.93
N ARG B 265 15.78 -19.19 -15.31
CA ARG B 265 15.88 -18.06 -14.38
C ARG B 265 14.52 -17.44 -14.14
N TYR B 266 14.31 -16.98 -12.90
CA TYR B 266 13.04 -16.37 -12.50
C TYR B 266 13.31 -15.18 -11.60
N ILE B 267 12.85 -14.00 -12.02
CA ILE B 267 12.82 -12.85 -11.13
C ILE B 267 11.73 -13.04 -10.10
N CYS B 268 12.03 -12.71 -8.84
CA CYS B 268 11.02 -12.71 -7.78
C CYS B 268 10.88 -11.28 -7.29
N CYS B 269 9.72 -10.68 -7.58
CA CYS B 269 9.49 -9.28 -7.28
C CYS B 269 7.99 -9.04 -7.24
N SER B 270 7.51 -8.48 -6.14
CA SER B 270 6.08 -8.22 -6.00
C SER B 270 5.69 -6.83 -6.49
N LEU B 271 6.54 -5.84 -6.25
CA LEU B 271 6.11 -4.45 -6.38
C LEU B 271 7.31 -3.57 -6.71
N ASN B 272 7.09 -2.59 -7.57
CA ASN B 272 8.10 -1.60 -7.92
C ASN B 272 7.65 -0.25 -7.36
N THR B 273 8.46 0.31 -6.47
CA THR B 273 8.14 1.60 -5.86
C THR B 273 9.40 2.48 -5.94
N THR B 274 9.41 3.55 -5.15
CA THR B 274 10.56 4.44 -5.06
C THR B 274 10.83 4.73 -3.59
N VAL B 275 12.01 5.30 -3.32
CA VAL B 275 12.34 5.71 -1.97
C VAL B 275 11.30 6.68 -1.43
N VAL B 276 10.89 7.65 -2.25
CA VAL B 276 9.98 8.68 -1.79
C VAL B 276 8.60 8.11 -1.52
N GLU B 277 8.13 7.22 -2.39
CA GLU B 277 6.84 6.55 -2.16
C GLU B 277 6.87 5.76 -0.86
N LEU B 278 7.92 4.96 -0.67
CA LEU B 278 8.01 4.14 0.54
C LEU B 278 8.12 5.02 1.79
N ALA B 279 8.90 6.09 1.70
CA ALA B 279 9.04 6.99 2.84
C ALA B 279 7.68 7.58 3.24
N ARG B 280 6.92 8.06 2.26
CA ARG B 280 5.59 8.60 2.57
C ARG B 280 4.70 7.55 3.20
N PHE B 281 4.65 6.35 2.61
CA PHE B 281 3.77 5.32 3.13
C PHE B 281 4.16 4.91 4.54
N LEU B 282 5.46 4.71 4.77
CA LEU B 282 5.90 4.30 6.11
C LEU B 282 5.65 5.42 7.12
N ALA B 283 5.85 6.67 6.72
CA ALA B 283 5.52 7.79 7.60
C ALA B 283 4.04 7.74 7.99
N HIS B 284 3.18 7.36 7.04
CA HIS B 284 1.75 7.31 7.30
C HIS B 284 1.37 6.08 8.14
N LYS B 285 2.00 4.94 7.87
CA LYS B 285 1.63 3.72 8.60
C LYS B 285 2.23 3.69 9.99
N TYR B 286 3.37 4.34 10.21
CA TYR B 286 4.08 4.28 11.48
C TYR B 286 4.35 5.70 11.98
N PRO B 287 3.32 6.37 12.50
CA PRO B 287 3.53 7.75 12.99
C PRO B 287 4.48 7.82 14.18
N GLN B 288 4.59 6.75 14.97
CA GLN B 288 5.44 6.80 16.16
C GLN B 288 6.91 7.03 15.80
N TYR B 289 7.32 6.65 14.60
CA TYR B 289 8.67 6.95 14.13
C TYR B 289 8.68 8.26 13.36
N ARG B 290 9.81 8.97 13.44
CA ARG B 290 9.96 10.26 12.78
C ARG B 290 10.50 10.01 11.37
N VAL B 291 9.59 9.67 10.47
CA VAL B 291 9.97 9.27 9.12
C VAL B 291 10.17 10.52 8.28
N LYS B 292 11.41 10.75 7.86
CA LYS B 292 11.69 11.87 6.96
C LYS B 292 11.10 11.58 5.58
N THR B 293 10.22 12.47 5.13
CA THR B 293 9.61 12.36 3.81
C THR B 293 9.90 13.56 2.91
N ASN B 294 10.44 14.65 3.47
CA ASN B 294 10.69 15.88 2.71
C ASN B 294 12.11 15.82 2.15
N PHE B 295 12.22 15.33 0.93
CA PHE B 295 13.47 15.39 0.18
C PHE B 295 13.44 16.64 -0.70
N ASP B 296 14.62 17.16 -1.04
CA ASP B 296 14.68 18.51 -1.62
C ASP B 296 15.78 18.62 -2.69
N ASP B 297 15.37 18.50 -3.95
CA ASP B 297 16.19 18.85 -5.11
C ASP B 297 17.35 17.87 -5.31
N ASP B 298 18.59 18.39 -5.34
CA ASP B 298 19.79 17.64 -5.66
C ASP B 298 19.58 16.13 -5.60
N GLU B 299 19.19 15.66 -4.41
CA GLU B 299 18.77 14.28 -4.19
C GLU B 299 18.12 13.72 -5.46
N HIS B 300 18.91 13.02 -6.28
CA HIS B 300 18.43 12.51 -7.55
C HIS B 300 17.42 11.38 -7.33
N LEU B 301 16.35 11.67 -6.60
CA LEU B 301 15.35 10.67 -6.24
C LEU B 301 14.19 10.74 -7.23
N LEU B 302 13.58 9.59 -7.48
CA LEU B 302 12.52 9.44 -8.46
C LEU B 302 11.16 9.56 -7.80
N GLU B 303 10.23 10.27 -8.46
CA GLU B 303 8.84 10.24 -8.01
C GLU B 303 8.21 8.88 -8.30
N ARG B 304 8.45 8.33 -9.48
CA ARG B 304 7.93 7.05 -9.90
C ARG B 304 9.04 6.23 -10.54
N PRO B 305 8.89 4.90 -10.56
CA PRO B 305 9.96 4.06 -11.13
C PRO B 305 10.26 4.42 -12.57
N ARG B 306 11.56 4.51 -12.87
CA ARG B 306 12.03 4.68 -14.25
C ARG B 306 12.12 3.34 -14.97
N VAL B 307 12.58 2.32 -14.27
CA VAL B 307 12.70 0.96 -14.79
C VAL B 307 12.08 0.03 -13.76
N ILE B 308 11.25 -0.90 -14.23
CA ILE B 308 10.59 -1.84 -13.32
C ILE B 308 11.12 -3.24 -13.59
N MET B 309 11.16 -4.05 -12.53
CA MET B 309 11.45 -5.47 -12.64
C MET B 309 10.15 -6.22 -12.85
N SER B 310 10.10 -7.05 -13.89
CA SER B 310 8.90 -7.80 -14.25
C SER B 310 8.99 -9.22 -13.72
N SER B 311 7.95 -9.66 -13.04
CA SER B 311 7.82 -11.04 -12.58
C SER B 311 6.79 -11.82 -13.40
N GLU B 312 6.58 -11.41 -14.65
CA GLU B 312 5.54 -12.02 -15.47
C GLU B 312 5.82 -13.50 -15.70
N LYS B 313 7.09 -13.85 -15.92
CA LYS B 313 7.42 -15.25 -16.19
C LYS B 313 6.97 -16.14 -15.04
N LEU B 314 7.35 -15.78 -13.81
CA LEU B 314 6.93 -16.57 -12.65
C LEU B 314 5.40 -16.61 -12.55
N VAL B 315 4.74 -15.47 -12.76
CA VAL B 315 3.29 -15.41 -12.64
C VAL B 315 2.63 -16.28 -13.71
N ARG B 316 2.97 -16.07 -14.99
CA ARG B 316 2.40 -16.89 -16.04
C ARG B 316 2.78 -18.36 -15.87
N GLU B 317 3.84 -18.65 -15.12
CA GLU B 317 4.13 -20.03 -14.73
C GLU B 317 3.07 -20.60 -13.78
N GLY B 318 2.26 -19.74 -13.17
CA GLY B 318 1.22 -20.16 -12.25
C GLY B 318 1.35 -19.62 -10.84
N PHE B 319 2.45 -18.94 -10.51
CA PHE B 319 2.65 -18.43 -9.17
C PHE B 319 1.83 -17.16 -8.93
N GLU B 320 1.38 -16.99 -7.68
CA GLU B 320 0.64 -15.80 -7.27
C GLU B 320 1.25 -15.22 -6.01
N TYR B 321 1.52 -13.92 -6.02
CA TYR B 321 1.97 -13.22 -4.84
C TYR B 321 0.80 -12.96 -3.88
N ARG B 322 1.06 -13.12 -2.59
CA ARG B 322 0.05 -12.85 -1.57
C ARG B 322 0.27 -11.52 -0.85
N HIS B 323 1.45 -10.93 -0.96
CA HIS B 323 1.76 -9.62 -0.38
C HIS B 323 1.94 -8.67 -1.56
N ASN B 324 0.88 -7.94 -1.90
CA ASN B 324 0.83 -7.20 -3.16
C ASN B 324 0.82 -5.69 -2.99
N THR B 325 0.81 -5.20 -1.75
CA THR B 325 0.84 -3.78 -1.48
C THR B 325 1.96 -3.49 -0.48
N LEU B 326 2.34 -2.21 -0.38
CA LEU B 326 3.31 -1.82 0.63
C LEU B 326 2.82 -2.18 2.03
N ASP B 327 1.51 -2.09 2.25
CA ASP B 327 0.96 -2.43 3.55
C ASP B 327 1.15 -3.91 3.86
N GLU B 328 1.06 -4.77 2.84
CA GLU B 328 1.20 -6.20 3.06
C GLU B 328 2.66 -6.64 3.06
N ILE B 329 3.52 -5.95 2.31
CA ILE B 329 4.94 -6.29 2.32
C ILE B 329 5.56 -5.92 3.66
N TYR B 330 5.11 -4.82 4.25
CA TYR B 330 5.59 -4.38 5.56
C TYR B 330 4.62 -4.76 6.67
N ASP B 331 4.11 -5.98 6.66
CA ASP B 331 3.09 -6.37 7.63
C ASP B 331 3.66 -6.84 8.96
N ASN B 332 4.86 -7.44 8.97
CA ASN B 332 5.40 -7.97 10.21
C ASN B 332 6.89 -7.69 10.40
N VAL B 333 7.52 -6.88 9.55
CA VAL B 333 8.96 -6.70 9.66
C VAL B 333 9.33 -5.78 10.83
N VAL B 334 8.45 -4.85 11.19
CA VAL B 334 8.79 -3.91 12.26
C VAL B 334 8.98 -4.64 13.58
N GLU B 335 8.06 -5.55 13.90
CA GLU B 335 8.21 -6.34 15.11
C GLU B 335 9.47 -7.21 15.04
N TYR B 336 9.81 -7.70 13.85
CA TYR B 336 11.06 -8.44 13.68
C TYR B 336 12.25 -7.54 13.96
N GLY B 337 12.24 -6.32 13.41
CA GLY B 337 13.33 -5.39 13.68
C GLY B 337 13.50 -5.11 15.16
N LYS B 338 12.39 -4.95 15.89
CA LYS B 338 12.46 -4.78 17.34
C LYS B 338 13.17 -5.97 17.98
N ALA B 339 12.73 -7.18 17.65
CA ALA B 339 13.33 -8.38 18.24
C ALA B 339 14.81 -8.49 17.92
N LEU B 340 15.23 -8.03 16.73
CA LEU B 340 16.63 -8.10 16.33
C LEU B 340 17.46 -6.96 16.89
N GLY B 341 16.84 -5.96 17.52
CA GLY B 341 17.56 -4.82 18.02
C GLY B 341 17.90 -3.78 16.97
N ILE B 342 17.37 -3.92 15.75
CA ILE B 342 17.61 -2.92 14.73
C ILE B 342 16.74 -1.69 14.97
N LEU B 343 15.58 -1.86 15.60
CA LEU B 343 14.69 -0.81 16.05
C LEU B 343 14.62 -0.82 17.58
N PRO B 344 14.60 0.35 18.21
CA PRO B 344 14.58 0.39 19.68
C PRO B 344 13.23 0.02 20.28
N TYR B 345 12.17 0.59 19.73
CA TYR B 345 10.84 0.41 20.30
C TYR B 345 9.80 0.22 19.20
#